data_7NKN
#
_entry.id   7NKN
#
_cell.length_a   1.00
_cell.length_b   1.00
_cell.length_c   1.00
_cell.angle_alpha   90.00
_cell.angle_beta   90.00
_cell.angle_gamma   90.00
#
_symmetry.space_group_name_H-M   'P 1'
#
loop_
_entity.id
_entity.type
_entity.pdbx_description
1 polymer 'ATP synthase gamma chain'
2 polymer 'ATP synthase epsilon chain'
3 polymer 'ATP synthase subunit c'
4 polymer 'ATP synthase subunit alpha'
#
loop_
_entity_poly.entity_id
_entity_poly.type
_entity_poly.pdbx_seq_one_letter_code
_entity_poly.pdbx_strand_id
1 'polypeptide(L)'
;MAATLRELRGRIRSAGSIKKITKAQELIATSRIAKAQARVEAARPYAAEITNMLTELAGASALDHPLLVERKQPKRAGVL
VVSSDRGLCGAYNANVLRRAEELFSLLRDEGKDPVLYVVGRKALGYFSFRQRTVVESWTGFSERPTYENAREIADTLVNA
FMAGADDEGDDAGADGILGVDELHIVFTEFRSMLSQTAVARRAAPMEVEYVGEVETGPRTLYSFEPDPETLFDALLPRYI
ATRVYAALLEAAASESASRRRAMKSATDNADDLIKALTLAANRERQAQITQEISEIVGGANALAGSK
;
G
2 'polypeptide(L)'
;MADLNVEIVAVERELWSGPATFVFTRTTAGEIGILPRHIPLVAQLVDDAMVRVEREGEDDLRIAVDGGFLSVTEETVRIL
VENAQFESEIDADAAKEDAASDDERTAAWGRARLRALGQID
;
H
3 'polypeptide(L)'
;MDLDPNAIITAGALIGGGLIMGGGAIGAGIGDGIAGNALISGIARQPEAQGRLFTPFFITVGLVEAAYFINLAFMALFVF
ATPGLQ
;
L,M,N,O,P,Q,R,S,T
4 'polypeptide(L)'
;MAELTISAADIEGAIEDYVSSFSADTEREEIGTVIDAGDGIAHVEGLPSVMTQELLEFPGGVLGVALNLDEHSVGAVILG
EFEKIEEGQQVKRTGEVLSVPVGDAFLGRVVNPLGQPIDGQGDIAAETRRALELQAPSVVQRQSVSEPLQTGIKAIDAMT
PIGRGQRQLIIGDRKTGKTAVCVDTILNQREAWLTGDPKQQVRCVYVAIGQKGTTIASVKRALEEGGAMEYTTIVAAPAS
DAAGFKWLAPYTGSAIGQHWMYNGKHVLIVFDDLSKQADAYRAISLLLRRPPGREAFPGDVFYLHSRLLERCAKLSDELG
GGSMTGLPIIETKANDISAFIPTNVISITDGQCFLESDLFNQGVRPAINVGVSVSRVGGAAQIKAMKEVAGSLRLDLSQY
RELEAFAAFASDLDAASKAQLDRGARLVELLKQPQYSPLAVEEQVVAIFLGTQGHLDSVPVEDVQRFESELLEHVKASHS
DIFDGIRETKKLSEEAEEKLVSVINEFKKGFQASDGSSVVVSENAEALDPEDLEKESVKVRKPAPKKA
;
C
#
# COMPACT_ATOMS: atom_id res chain seq x y z
N ILE A 18 -49.58 -19.78 -56.05
CA ILE A 18 -49.85 -19.39 -54.67
C ILE A 18 -49.60 -20.57 -53.74
N LYS A 19 -50.26 -21.69 -54.03
CA LYS A 19 -50.10 -22.88 -53.18
C LYS A 19 -48.64 -23.33 -53.16
N LYS A 20 -48.01 -23.38 -54.34
CA LYS A 20 -46.61 -23.76 -54.40
C LYS A 20 -45.73 -22.75 -53.68
N ILE A 21 -46.02 -21.46 -53.85
CA ILE A 21 -45.24 -20.42 -53.18
C ILE A 21 -45.36 -20.56 -51.67
N THR A 22 -46.58 -20.77 -51.18
CA THR A 22 -46.78 -20.89 -49.74
C THR A 22 -46.10 -22.15 -49.20
N LYS A 23 -46.15 -23.25 -49.94
CA LYS A 23 -45.46 -24.46 -49.48
C LYS A 23 -43.96 -24.25 -49.42
N ALA A 24 -43.39 -23.62 -50.45
CA ALA A 24 -41.96 -23.34 -50.44
C ALA A 24 -41.59 -22.42 -49.27
N GLN A 25 -42.43 -21.41 -49.01
CA GLN A 25 -42.18 -20.53 -47.88
C GLN A 25 -42.26 -21.29 -46.57
N GLU A 26 -43.18 -22.25 -46.46
CA GLU A 26 -43.27 -23.05 -45.25
C GLU A 26 -41.98 -23.84 -45.01
N LEU A 27 -41.47 -24.49 -46.06
CA LEU A 27 -40.24 -25.26 -45.90
C LEU A 27 -39.06 -24.35 -45.58
N ILE A 28 -38.96 -23.22 -46.26
CA ILE A 28 -37.89 -22.26 -45.97
C ILE A 28 -37.99 -21.79 -44.53
N ALA A 29 -39.21 -21.57 -44.04
CA ALA A 29 -39.40 -21.13 -42.67
C ALA A 29 -38.99 -22.22 -41.69
N THR A 30 -39.22 -23.49 -42.03
CA THR A 30 -38.75 -24.57 -41.18
C THR A 30 -37.22 -24.54 -41.06
N SER A 31 -36.54 -24.37 -42.20
CA SER A 31 -35.08 -24.27 -42.16
C SER A 31 -34.64 -23.06 -41.35
N ARG A 32 -35.35 -21.94 -41.50
CA ARG A 32 -35.00 -20.72 -40.77
C ARG A 32 -35.20 -20.91 -39.28
N ILE A 33 -36.23 -21.67 -38.88
CA ILE A 33 -36.44 -21.97 -37.47
C ILE A 33 -35.26 -22.78 -36.93
N ALA A 34 -34.81 -23.77 -37.72
CA ALA A 34 -33.64 -24.53 -37.30
C ALA A 34 -32.45 -23.59 -37.07
N LYS A 35 -32.21 -22.69 -38.02
CA LYS A 35 -31.09 -21.75 -37.90
C LYS A 35 -31.24 -20.86 -36.66
N ALA A 36 -32.45 -20.34 -36.42
CA ALA A 36 -32.66 -19.45 -35.30
C ALA A 36 -32.45 -20.16 -33.96
N GLN A 37 -32.93 -21.40 -33.86
CA GLN A 37 -32.68 -22.17 -32.64
C GLN A 37 -31.19 -22.40 -32.45
N ALA A 38 -30.48 -22.69 -33.54
CA ALA A 38 -29.03 -22.84 -33.44
C ALA A 38 -28.39 -21.55 -32.93
N ARG A 39 -28.84 -20.40 -33.41
CA ARG A 39 -28.27 -19.14 -32.98
C ARG A 39 -28.54 -18.90 -31.48
N VAL A 40 -29.75 -19.20 -31.03
CA VAL A 40 -30.08 -19.03 -29.61
C VAL A 40 -29.17 -19.92 -28.76
N GLU A 41 -29.00 -21.17 -29.18
CA GLU A 41 -28.14 -22.08 -28.43
C GLU A 41 -26.69 -21.57 -28.42
N ALA A 42 -26.22 -21.05 -29.55
CA ALA A 42 -24.88 -20.51 -29.59
C ALA A 42 -24.72 -19.32 -28.64
N ALA A 43 -25.76 -18.49 -28.53
CA ALA A 43 -25.68 -17.33 -27.67
C ALA A 43 -25.76 -17.69 -26.19
N ARG A 44 -26.38 -18.83 -25.85
CA ARG A 44 -26.61 -19.17 -24.44
C ARG A 44 -25.36 -19.13 -23.56
N PRO A 45 -24.24 -19.77 -23.92
CA PRO A 45 -23.11 -19.85 -22.97
C PRO A 45 -22.58 -18.50 -22.54
N TYR A 46 -22.43 -17.54 -23.46
CA TYR A 46 -21.94 -16.23 -23.07
C TYR A 46 -22.91 -15.56 -22.11
N ALA A 47 -24.21 -15.71 -22.34
CA ALA A 47 -25.19 -15.15 -21.43
C ALA A 47 -25.03 -15.74 -20.03
N ALA A 48 -24.87 -17.06 -19.94
CA ALA A 48 -24.71 -17.68 -18.63
C ALA A 48 -23.45 -17.18 -17.94
N GLU A 49 -22.35 -17.10 -18.67
CA GLU A 49 -21.09 -16.69 -18.05
C GLU A 49 -21.14 -15.23 -17.60
N ILE A 50 -21.71 -14.35 -18.42
CA ILE A 50 -21.79 -12.95 -18.02
C ILE A 50 -22.75 -12.79 -16.84
N THR A 51 -23.83 -13.58 -16.80
CA THR A 51 -24.70 -13.54 -15.63
C THR A 51 -23.96 -13.96 -14.38
N ASN A 52 -23.15 -15.01 -14.47
CA ASN A 52 -22.37 -15.45 -13.31
C ASN A 52 -21.41 -14.35 -12.85
N MET A 53 -20.70 -13.73 -13.80
CA MET A 53 -19.79 -12.66 -13.42
C MET A 53 -20.51 -11.48 -12.81
N LEU A 54 -21.68 -11.13 -13.37
CA LEU A 54 -22.45 -10.02 -12.81
C LEU A 54 -22.90 -10.35 -11.39
N THR A 55 -23.32 -11.59 -11.15
CA THR A 55 -23.70 -11.98 -9.80
C THR A 55 -22.52 -11.86 -8.84
N GLU A 56 -21.34 -12.31 -9.27
CA GLU A 56 -20.16 -12.20 -8.41
C GLU A 56 -19.85 -10.74 -8.09
N LEU A 57 -19.87 -9.88 -9.11
CA LEU A 57 -19.54 -8.48 -8.90
C LEU A 57 -20.59 -7.80 -8.01
N ALA A 58 -21.87 -8.13 -8.19
CA ALA A 58 -22.90 -7.57 -7.34
C ALA A 58 -22.72 -8.01 -5.89
N GLY A 59 -22.34 -9.27 -5.68
CA GLY A 59 -22.01 -9.71 -4.35
C GLY A 59 -20.79 -8.99 -3.78
N ALA A 60 -19.90 -8.55 -4.65
CA ALA A 60 -18.68 -7.90 -4.17
C ALA A 60 -18.78 -6.38 -4.12
N SER A 61 -19.75 -5.79 -4.81
CA SER A 61 -19.83 -4.34 -4.98
C SER A 61 -21.09 -3.79 -4.32
N ALA A 62 -21.10 -2.48 -4.12
CA ALA A 62 -22.27 -1.81 -3.60
C ALA A 62 -23.37 -1.76 -4.65
N LEU A 63 -24.58 -2.14 -4.24
CA LEU A 63 -25.72 -2.23 -5.16
C LEU A 63 -26.40 -0.86 -5.24
N ASP A 64 -25.72 0.07 -5.92
CA ASP A 64 -26.21 1.44 -6.02
C ASP A 64 -26.03 2.02 -7.42
N HIS A 65 -25.87 1.19 -8.43
CA HIS A 65 -25.68 1.70 -9.78
C HIS A 65 -26.95 2.41 -10.25
N PRO A 66 -26.83 3.53 -10.98
CA PRO A 66 -28.04 4.20 -11.46
C PRO A 66 -28.95 3.31 -12.29
N LEU A 67 -28.38 2.38 -13.05
CA LEU A 67 -29.19 1.38 -13.75
C LEU A 67 -29.91 0.45 -12.78
N LEU A 68 -29.50 0.44 -11.50
CA LEU A 68 -29.99 -0.51 -10.54
C LEU A 68 -30.87 0.11 -9.46
N VAL A 69 -31.07 1.42 -9.48
CA VAL A 69 -31.86 2.13 -8.48
C VAL A 69 -33.05 2.79 -9.18
N GLU A 70 -34.24 2.60 -8.63
CA GLU A 70 -35.45 3.12 -9.23
C GLU A 70 -35.55 4.63 -9.03
N ARG A 71 -35.83 5.36 -10.12
CA ARG A 71 -36.03 6.79 -10.02
C ARG A 71 -37.33 7.09 -9.27
N LYS A 72 -37.30 8.12 -8.44
CA LYS A 72 -38.51 8.55 -7.76
C LYS A 72 -39.44 9.27 -8.74
N GLN A 73 -40.74 9.22 -8.44
CA GLN A 73 -41.78 9.77 -9.29
C GLN A 73 -41.52 9.50 -10.78
N PRO A 74 -41.58 8.24 -11.20
CA PRO A 74 -41.41 7.94 -12.63
C PRO A 74 -42.44 8.67 -13.46
N LYS A 75 -42.00 9.21 -14.59
CA LYS A 75 -42.86 10.01 -15.46
C LYS A 75 -42.63 9.71 -16.94
N ARG A 76 -41.66 8.85 -17.27
CA ARG A 76 -41.43 8.45 -18.65
C ARG A 76 -40.84 7.05 -18.62
N ALA A 77 -41.26 6.22 -19.58
CA ALA A 77 -40.79 4.84 -19.63
C ALA A 77 -40.51 4.50 -21.08
N GLY A 78 -39.25 4.20 -21.39
CA GLY A 78 -38.92 3.74 -22.72
C GLY A 78 -39.45 2.33 -22.96
N VAL A 79 -39.99 2.10 -24.14
CA VAL A 79 -40.53 0.80 -24.53
C VAL A 79 -40.01 0.47 -25.91
N LEU A 80 -39.28 -0.65 -26.02
CA LEU A 80 -38.74 -1.13 -27.29
C LEU A 80 -39.64 -2.25 -27.77
N VAL A 81 -40.34 -2.03 -28.89
CA VAL A 81 -41.24 -3.01 -29.47
C VAL A 81 -40.47 -3.70 -30.58
N VAL A 82 -40.27 -5.01 -30.45
CA VAL A 82 -39.52 -5.78 -31.44
C VAL A 82 -40.50 -6.45 -32.38
N SER A 83 -40.43 -6.10 -33.66
CA SER A 83 -41.33 -6.63 -34.67
C SER A 83 -40.50 -7.16 -35.84
N SER A 84 -41.20 -7.65 -36.85
CA SER A 84 -40.56 -8.23 -38.02
C SER A 84 -40.53 -7.24 -39.18
N ASP A 85 -39.66 -7.52 -40.15
CA ASP A 85 -39.61 -6.70 -41.35
C ASP A 85 -40.61 -7.18 -42.40
N ARG A 86 -40.83 -8.49 -42.47
CA ARG A 86 -41.73 -9.09 -43.45
C ARG A 86 -43.04 -9.46 -42.79
N GLY A 87 -44.14 -9.21 -43.49
CA GLY A 87 -45.47 -9.42 -42.97
C GLY A 87 -46.09 -10.77 -43.27
N LEU A 88 -45.33 -11.70 -43.84
CA LEU A 88 -45.92 -13.02 -44.14
C LEU A 88 -46.16 -13.82 -42.87
N CYS A 89 -45.62 -13.38 -41.74
CA CYS A 89 -45.99 -13.98 -40.47
C CYS A 89 -47.46 -13.71 -40.17
N GLY A 90 -48.14 -14.72 -39.63
CA GLY A 90 -49.59 -14.62 -39.53
C GLY A 90 -50.04 -13.56 -38.56
N ALA A 91 -49.82 -13.77 -37.27
CA ALA A 91 -50.25 -12.82 -36.25
C ALA A 91 -49.11 -12.43 -35.32
N TYR A 92 -47.87 -12.58 -35.75
CA TYR A 92 -46.72 -12.28 -34.91
C TYR A 92 -46.69 -10.80 -34.54
N ASN A 93 -46.73 -9.93 -35.56
CA ASN A 93 -46.71 -8.50 -35.30
C ASN A 93 -47.97 -8.05 -34.58
N ALA A 94 -49.12 -8.64 -34.91
CA ALA A 94 -50.35 -8.27 -34.24
C ALA A 94 -50.28 -8.56 -32.74
N ASN A 95 -49.78 -9.74 -32.38
CA ASN A 95 -49.64 -10.08 -30.97
C ASN A 95 -48.65 -9.16 -30.28
N VAL A 96 -47.51 -8.89 -30.93
CA VAL A 96 -46.52 -8.02 -30.33
C VAL A 96 -47.11 -6.64 -30.07
N LEU A 97 -47.85 -6.11 -31.04
CA LEU A 97 -48.39 -4.77 -30.90
C LEU A 97 -49.53 -4.73 -29.91
N ARG A 98 -50.31 -5.81 -29.80
CA ARG A 98 -51.32 -5.86 -28.75
C ARG A 98 -50.69 -5.85 -27.37
N ARG A 99 -49.60 -6.61 -27.19
CA ARG A 99 -48.89 -6.58 -25.91
C ARG A 99 -48.31 -5.19 -25.66
N ALA A 100 -47.80 -4.54 -26.69
CA ALA A 100 -47.28 -3.18 -26.52
C ALA A 100 -48.39 -2.22 -26.10
N GLU A 101 -49.58 -2.36 -26.69
CA GLU A 101 -50.69 -1.51 -26.29
C GLU A 101 -51.08 -1.75 -24.84
N GLU A 102 -51.10 -3.02 -24.42
CA GLU A 102 -51.39 -3.33 -23.02
C GLU A 102 -50.36 -2.69 -22.10
N LEU A 103 -49.08 -2.76 -22.49
CA LEU A 103 -48.04 -2.16 -21.68
C LEU A 103 -48.18 -0.64 -21.63
N PHE A 104 -48.58 -0.03 -22.75
CA PHE A 104 -48.83 1.40 -22.76
C PHE A 104 -49.95 1.77 -21.79
N SER A 105 -51.02 0.98 -21.80
CA SER A 105 -52.13 1.24 -20.88
C SER A 105 -51.65 1.12 -19.43
N LEU A 106 -50.86 0.09 -19.13
CA LEU A 106 -50.36 -0.08 -17.77
C LEU A 106 -49.47 1.10 -17.38
N LEU A 107 -48.60 1.54 -18.29
CA LEU A 107 -47.72 2.67 -17.99
C LEU A 107 -48.53 3.93 -17.73
N ARG A 108 -49.55 4.18 -18.55
CA ARG A 108 -50.39 5.35 -18.33
C ARG A 108 -51.10 5.26 -16.99
N ASP A 109 -51.59 4.06 -16.63
CA ASP A 109 -52.22 3.89 -15.33
C ASP A 109 -51.25 4.22 -14.20
N GLU A 110 -50.01 3.76 -14.31
CA GLU A 110 -48.99 4.10 -13.33
C GLU A 110 -48.56 5.55 -13.41
N GLY A 111 -48.96 6.28 -14.44
CA GLY A 111 -48.64 7.69 -14.57
C GLY A 111 -47.41 8.00 -15.40
N LYS A 112 -46.89 7.04 -16.16
CA LYS A 112 -45.70 7.23 -16.97
C LYS A 112 -46.09 7.37 -18.43
N ASP A 113 -45.36 8.22 -19.15
CA ASP A 113 -45.58 8.38 -20.58
C ASP A 113 -44.71 7.40 -21.36
N PRO A 114 -45.25 6.60 -22.27
CA PRO A 114 -44.39 5.71 -23.06
C PRO A 114 -43.58 6.49 -24.08
N VAL A 115 -42.28 6.22 -24.10
CA VAL A 115 -41.36 6.74 -25.11
C VAL A 115 -41.01 5.56 -26.01
N LEU A 116 -41.38 5.65 -27.28
CA LEU A 116 -41.45 4.46 -28.12
C LEU A 116 -40.17 4.30 -28.96
N TYR A 117 -39.62 3.09 -28.92
CA TYR A 117 -38.55 2.67 -29.80
C TYR A 117 -39.03 1.42 -30.52
N VAL A 118 -38.63 1.26 -31.78
CA VAL A 118 -39.19 0.20 -32.60
C VAL A 118 -38.07 -0.54 -33.33
N VAL A 119 -38.21 -1.85 -33.41
CA VAL A 119 -37.35 -2.70 -34.24
C VAL A 119 -38.25 -3.40 -35.24
N GLY A 120 -38.02 -3.14 -36.52
CA GLY A 120 -38.83 -3.73 -37.57
C GLY A 120 -39.78 -2.72 -38.19
N ARG A 121 -40.07 -2.94 -39.48
CA ARG A 121 -40.88 -2.00 -40.24
C ARG A 121 -42.37 -2.14 -39.94
N LYS A 122 -42.83 -3.34 -39.59
CA LYS A 122 -44.26 -3.55 -39.39
C LYS A 122 -44.78 -2.70 -38.23
N ALA A 123 -44.06 -2.71 -37.11
CA ALA A 123 -44.44 -1.86 -35.98
C ALA A 123 -44.34 -0.39 -36.35
N LEU A 124 -43.37 -0.03 -37.18
CA LEU A 124 -43.27 1.36 -37.64
C LEU A 124 -44.54 1.76 -38.37
N GLY A 125 -45.02 0.92 -39.29
CA GLY A 125 -46.26 1.23 -39.99
C GLY A 125 -47.45 1.30 -39.06
N TYR A 126 -47.54 0.36 -38.12
CA TYR A 126 -48.65 0.36 -37.17
C TYR A 126 -48.68 1.66 -36.39
N PHE A 127 -47.55 2.06 -35.80
CA PHE A 127 -47.53 3.26 -34.98
C PHE A 127 -47.65 4.53 -35.82
N SER A 128 -47.18 4.49 -37.07
CA SER A 128 -47.41 5.61 -37.96
C SER A 128 -48.90 5.82 -38.22
N PHE A 129 -49.63 4.72 -38.44
CA PHE A 129 -51.08 4.84 -38.55
C PHE A 129 -51.69 5.37 -37.27
N ARG A 130 -51.22 4.85 -36.11
CA ARG A 130 -51.67 5.38 -34.83
C ARG A 130 -51.11 6.77 -34.54
N GLN A 131 -50.17 7.25 -35.36
CA GLN A 131 -49.62 8.59 -35.22
C GLN A 131 -48.97 8.78 -33.85
N ARG A 132 -48.27 7.76 -33.39
CA ARG A 132 -47.47 7.85 -32.17
C ARG A 132 -46.01 8.03 -32.56
N THR A 133 -45.40 9.10 -32.04
CA THR A 133 -44.03 9.41 -32.40
C THR A 133 -43.08 8.31 -31.93
N VAL A 134 -42.16 7.92 -32.81
CA VAL A 134 -41.15 6.92 -32.50
C VAL A 134 -39.81 7.63 -32.40
N VAL A 135 -39.22 7.60 -31.21
CA VAL A 135 -37.97 8.32 -30.98
C VAL A 135 -36.89 7.81 -31.93
N GLU A 136 -36.76 6.49 -32.03
CA GLU A 136 -35.77 5.89 -32.93
C GLU A 136 -36.25 4.51 -33.31
N SER A 137 -35.90 4.09 -34.53
CA SER A 137 -36.27 2.79 -35.04
C SER A 137 -35.07 2.15 -35.72
N TRP A 138 -35.02 0.82 -35.68
CA TRP A 138 -33.99 0.05 -36.36
C TRP A 138 -34.68 -1.06 -37.14
N THR A 139 -34.32 -1.18 -38.42
CA THR A 139 -34.98 -2.14 -39.30
C THR A 139 -33.95 -2.78 -40.21
N GLY A 140 -34.32 -3.94 -40.76
CA GLY A 140 -33.51 -4.63 -41.74
C GLY A 140 -32.78 -5.85 -41.22
N PHE A 141 -32.80 -6.10 -39.91
CA PHE A 141 -32.09 -7.24 -39.32
C PHE A 141 -32.99 -8.15 -38.50
N SER A 142 -34.31 -7.93 -38.53
CA SER A 142 -35.19 -8.70 -37.66
C SER A 142 -35.05 -10.19 -37.91
N GLU A 143 -34.78 -10.59 -39.15
CA GLU A 143 -34.71 -12.03 -39.46
C GLU A 143 -33.45 -12.65 -38.88
N ARG A 144 -32.29 -12.00 -39.03
CA ARG A 144 -31.01 -12.51 -38.54
C ARG A 144 -30.28 -11.40 -37.81
N PRO A 145 -30.66 -11.11 -36.57
CA PRO A 145 -30.00 -10.03 -35.84
C PRO A 145 -28.61 -10.43 -35.36
N THR A 146 -27.67 -9.49 -35.48
CA THR A 146 -26.32 -9.68 -34.99
C THR A 146 -26.16 -8.95 -33.66
N TYR A 147 -25.04 -9.23 -32.99
CA TYR A 147 -24.82 -8.59 -31.69
C TYR A 147 -24.57 -7.10 -31.83
N GLU A 148 -24.09 -6.64 -32.99
CA GLU A 148 -23.85 -5.21 -33.16
C GLU A 148 -25.16 -4.43 -33.14
N ASN A 149 -26.21 -4.96 -33.77
CA ASN A 149 -27.52 -4.32 -33.72
C ASN A 149 -28.03 -4.23 -32.28
N ALA A 150 -27.90 -5.33 -31.54
CA ALA A 150 -28.33 -5.34 -30.15
C ALA A 150 -27.52 -4.35 -29.33
N ARG A 151 -26.21 -4.26 -29.58
CA ARG A 151 -25.38 -3.32 -28.84
C ARG A 151 -25.78 -1.88 -29.14
N GLU A 152 -26.07 -1.57 -30.40
CA GLU A 152 -26.53 -0.23 -30.73
C GLU A 152 -27.85 0.09 -30.06
N ILE A 153 -28.79 -0.85 -30.10
CA ILE A 153 -30.10 -0.63 -29.49
C ILE A 153 -29.95 -0.42 -27.98
N ALA A 154 -29.15 -1.28 -27.35
CA ALA A 154 -28.97 -1.18 -25.91
C ALA A 154 -28.24 0.10 -25.53
N ASP A 155 -27.28 0.53 -26.34
CA ASP A 155 -26.59 1.78 -26.07
C ASP A 155 -27.55 2.95 -26.14
N THR A 156 -28.41 2.99 -27.16
CA THR A 156 -29.39 4.07 -27.24
C THR A 156 -30.34 4.04 -26.06
N LEU A 157 -30.83 2.85 -25.70
CA LEU A 157 -31.78 2.74 -24.60
C LEU A 157 -31.14 3.17 -23.27
N VAL A 158 -29.90 2.74 -23.03
CA VAL A 158 -29.23 3.07 -21.79
C VAL A 158 -28.89 4.55 -21.73
N ASN A 159 -28.50 5.14 -22.86
CA ASN A 159 -28.27 6.58 -22.89
C ASN A 159 -29.55 7.34 -22.56
N ALA A 160 -30.67 6.91 -23.14
CA ALA A 160 -31.95 7.53 -22.81
C ALA A 160 -32.26 7.38 -21.32
N PHE A 161 -31.99 6.20 -20.77
CA PHE A 161 -32.26 5.99 -19.35
C PHE A 161 -31.41 6.90 -18.48
N MET A 162 -30.12 7.03 -18.81
CA MET A 162 -29.24 7.92 -18.04
C MET A 162 -29.68 9.36 -18.16
N ALA A 163 -30.09 9.79 -19.35
CA ALA A 163 -30.51 11.18 -19.54
C ALA A 163 -31.68 11.55 -18.64
N GLY A 164 -32.44 10.57 -18.16
CA GLY A 164 -33.59 10.83 -17.32
C GLY A 164 -33.30 11.03 -15.85
N ALA A 165 -32.04 10.87 -15.43
CA ALA A 165 -31.70 11.04 -14.02
C ALA A 165 -31.94 12.48 -13.58
N ASP A 166 -31.52 13.45 -14.39
CA ASP A 166 -31.58 14.85 -14.04
C ASP A 166 -32.85 15.54 -14.53
N ASP A 167 -33.79 14.79 -15.12
CA ASP A 167 -35.01 15.38 -15.67
C ASP A 167 -36.08 15.47 -14.59
N GLU A 168 -36.78 16.60 -14.56
CA GLU A 168 -37.90 16.81 -13.67
C GLU A 168 -39.07 17.37 -14.46
N GLY A 169 -40.28 16.90 -14.15
CA GLY A 169 -41.44 17.35 -14.88
C GLY A 169 -41.26 17.07 -16.36
N ASP A 170 -41.04 18.12 -17.15
CA ASP A 170 -40.76 18.01 -18.57
C ASP A 170 -39.47 18.69 -18.96
N ASP A 171 -38.61 19.03 -17.99
CA ASP A 171 -37.37 19.73 -18.26
C ASP A 171 -36.22 18.73 -18.34
N ALA A 172 -35.42 18.85 -19.40
CA ALA A 172 -34.30 17.93 -19.60
C ALA A 172 -33.20 18.09 -18.56
N GLY A 173 -33.20 19.17 -17.79
CA GLY A 173 -32.17 19.34 -16.79
C GLY A 173 -30.83 19.70 -17.42
N ALA A 174 -29.77 19.52 -16.64
CA ALA A 174 -28.43 19.86 -17.09
C ALA A 174 -28.01 19.07 -18.32
N ASP A 175 -28.63 17.91 -18.56
CA ASP A 175 -28.24 17.09 -19.71
C ASP A 175 -28.47 17.83 -21.02
N GLY A 176 -29.61 18.50 -21.15
CA GLY A 176 -30.08 18.95 -22.44
C GLY A 176 -30.78 17.88 -23.24
N ILE A 177 -30.91 16.67 -22.68
CA ILE A 177 -31.58 15.55 -23.33
C ILE A 177 -32.67 15.05 -22.39
N LEU A 178 -33.86 14.82 -22.94
CA LEU A 178 -34.99 14.32 -22.15
C LEU A 178 -34.96 12.80 -22.19
N GLY A 179 -34.62 12.19 -21.06
CA GLY A 179 -34.49 10.74 -20.96
C GLY A 179 -35.75 10.07 -20.49
N VAL A 180 -35.60 8.84 -20.02
CA VAL A 180 -36.71 8.03 -19.54
C VAL A 180 -36.34 7.41 -18.20
N ASP A 181 -37.36 7.02 -17.45
CA ASP A 181 -37.17 6.45 -16.12
C ASP A 181 -37.24 4.93 -16.10
N GLU A 182 -37.63 4.30 -17.20
CA GLU A 182 -37.72 2.84 -17.26
C GLU A 182 -37.45 2.39 -18.69
N LEU A 183 -37.04 1.13 -18.82
CA LEU A 183 -36.82 0.50 -20.11
C LEU A 183 -37.52 -0.86 -20.11
N HIS A 184 -38.47 -1.02 -21.01
CA HIS A 184 -39.20 -2.26 -21.21
C HIS A 184 -38.95 -2.78 -22.60
N ILE A 185 -38.98 -4.10 -22.76
CA ILE A 185 -38.83 -4.77 -24.05
C ILE A 185 -40.09 -5.59 -24.29
N VAL A 186 -40.73 -5.36 -25.42
CA VAL A 186 -41.93 -6.10 -25.83
C VAL A 186 -41.52 -6.91 -27.06
N PHE A 187 -41.27 -8.20 -26.87
CA PHE A 187 -40.84 -9.08 -27.95
C PHE A 187 -41.61 -10.38 -27.84
N THR A 188 -41.40 -11.26 -28.82
CA THR A 188 -42.06 -12.55 -28.87
C THR A 188 -41.10 -13.61 -28.36
N GLU A 189 -41.48 -14.26 -27.26
CA GLU A 189 -40.65 -15.28 -26.64
C GLU A 189 -40.92 -16.63 -27.28
N PHE A 190 -39.85 -17.30 -27.71
CA PHE A 190 -39.95 -18.61 -28.36
C PHE A 190 -40.06 -19.68 -27.28
N ARG A 191 -41.27 -19.86 -26.77
CA ARG A 191 -41.50 -20.89 -25.77
C ARG A 191 -41.19 -22.27 -26.33
N SER A 192 -41.62 -22.54 -27.55
CA SER A 192 -41.38 -23.82 -28.22
C SER A 192 -41.81 -23.67 -29.67
N MET A 193 -41.76 -24.77 -30.42
CA MET A 193 -42.21 -24.74 -31.81
C MET A 193 -43.69 -24.41 -31.90
N LEU A 194 -44.48 -24.91 -30.95
CA LEU A 194 -45.93 -24.76 -31.02
C LEU A 194 -46.40 -23.44 -30.43
N SER A 195 -45.70 -22.92 -29.42
CA SER A 195 -46.14 -21.75 -28.68
C SER A 195 -45.08 -20.66 -28.75
N GLN A 196 -45.48 -19.49 -29.23
CA GLN A 196 -44.66 -18.29 -29.19
C GLN A 196 -45.54 -17.14 -28.71
N THR A 197 -45.23 -16.62 -27.52
CA THR A 197 -46.08 -15.65 -26.85
C THR A 197 -45.35 -14.33 -26.72
N ALA A 198 -46.03 -13.24 -27.09
CA ALA A 198 -45.48 -11.91 -26.86
C ALA A 198 -45.43 -11.64 -25.36
N VAL A 199 -44.29 -11.09 -24.91
CA VAL A 199 -44.09 -10.79 -23.50
C VAL A 199 -43.57 -9.36 -23.38
N ALA A 200 -43.80 -8.77 -22.21
CA ALA A 200 -43.26 -7.47 -21.85
C ALA A 200 -42.30 -7.65 -20.70
N ARG A 201 -41.08 -7.17 -20.86
CA ARG A 201 -40.03 -7.34 -19.85
C ARG A 201 -39.43 -5.98 -19.54
N ARG A 202 -39.36 -5.65 -18.25
CA ARG A 202 -38.71 -4.41 -17.83
C ARG A 202 -37.20 -4.64 -17.82
N ALA A 203 -36.51 -4.06 -18.82
CA ALA A 203 -35.07 -4.21 -18.89
C ALA A 203 -34.37 -3.37 -17.82
N ALA A 204 -34.98 -2.25 -17.44
CA ALA A 204 -34.39 -1.37 -16.43
C ALA A 204 -35.49 -0.58 -15.77
N PRO A 205 -35.32 -0.15 -14.50
CA PRO A 205 -34.16 -0.45 -13.66
C PRO A 205 -34.20 -1.90 -13.16
N MET A 206 -33.03 -2.51 -13.07
CA MET A 206 -32.97 -3.91 -12.64
C MET A 206 -33.25 -4.00 -11.15
N GLU A 207 -33.95 -5.06 -10.75
CA GLU A 207 -34.17 -5.35 -9.35
C GLU A 207 -33.08 -6.27 -8.83
N VAL A 208 -32.93 -6.31 -7.51
CA VAL A 208 -31.94 -7.14 -6.85
C VAL A 208 -32.67 -8.31 -6.19
N GLU A 209 -32.39 -9.51 -6.68
CA GLU A 209 -32.99 -10.74 -6.15
C GLU A 209 -31.96 -11.43 -5.28
N TYR A 210 -32.13 -11.30 -3.96
CA TYR A 210 -31.19 -11.85 -3.00
C TYR A 210 -31.45 -13.34 -2.87
N VAL A 211 -30.64 -14.14 -3.53
CA VAL A 211 -30.73 -15.59 -3.44
C VAL A 211 -29.85 -16.06 -2.30
N GLY A 212 -30.20 -17.19 -1.70
CA GLY A 212 -29.45 -17.73 -0.58
C GLY A 212 -28.01 -17.99 -0.92
N GLU A 213 -27.09 -17.41 -0.14
CA GLU A 213 -25.68 -17.66 -0.36
C GLU A 213 -25.34 -19.12 -0.09
N VAL A 214 -24.43 -19.67 -0.88
CA VAL A 214 -24.04 -21.07 -0.74
C VAL A 214 -22.62 -21.27 -1.24
N GLY A 217 -18.28 -21.46 -3.01
CA GLY A 217 -18.50 -20.10 -3.47
C GLY A 217 -17.88 -19.06 -2.55
N PRO A 218 -18.41 -18.97 -1.32
CA PRO A 218 -17.88 -18.00 -0.36
C PRO A 218 -16.64 -18.49 0.38
N ARG A 219 -16.21 -19.72 0.14
CA ARG A 219 -15.04 -20.25 0.83
C ARG A 219 -13.74 -19.69 0.26
N THR A 220 -13.73 -19.31 -1.01
CA THR A 220 -12.58 -18.69 -1.64
C THR A 220 -13.02 -17.43 -2.37
N LEU A 221 -12.36 -16.31 -2.09
CA LEU A 221 -12.77 -15.03 -2.65
C LEU A 221 -12.29 -14.88 -4.08
N TYR A 222 -13.03 -14.08 -4.85
CA TYR A 222 -12.59 -13.62 -6.15
C TYR A 222 -11.77 -12.35 -6.00
N SER A 223 -10.81 -12.17 -6.90
CA SER A 223 -10.02 -10.95 -6.97
C SER A 223 -10.53 -10.11 -8.14
N PHE A 224 -10.80 -8.84 -7.88
CA PHE A 224 -11.40 -7.94 -8.86
C PHE A 224 -10.38 -6.87 -9.24
N GLU A 225 -10.08 -6.77 -10.53
CA GLU A 225 -9.11 -5.82 -11.05
C GLU A 225 -9.81 -4.89 -12.02
N PRO A 226 -9.76 -3.56 -11.83
CA PRO A 226 -9.05 -2.85 -10.76
C PRO A 226 -9.79 -2.89 -9.43
N ASP A 227 -11.10 -2.80 -9.47
CA ASP A 227 -11.92 -2.83 -8.26
C ASP A 227 -13.32 -3.27 -8.66
N PRO A 228 -14.08 -3.85 -7.73
CA PRO A 228 -15.42 -4.36 -8.08
C PRO A 228 -16.36 -3.30 -8.62
N GLU A 229 -16.26 -2.06 -8.14
CA GLU A 229 -17.22 -1.04 -8.52
C GLU A 229 -17.13 -0.69 -10.00
N THR A 230 -15.91 -0.46 -10.49
CA THR A 230 -15.75 -0.15 -11.91
C THR A 230 -16.09 -1.34 -12.79
N LEU A 231 -15.76 -2.55 -12.33
CA LEU A 231 -16.12 -3.74 -13.10
C LEU A 231 -17.64 -3.86 -13.23
N PHE A 232 -18.36 -3.65 -12.13
CA PHE A 232 -19.82 -3.66 -12.19
C PHE A 232 -20.33 -2.56 -13.11
N ASP A 233 -19.74 -1.37 -13.02
CA ASP A 233 -20.16 -0.26 -13.88
C ASP A 233 -20.02 -0.62 -15.34
N ALA A 234 -18.91 -1.25 -15.71
CA ALA A 234 -18.67 -1.61 -17.10
C ALA A 234 -19.50 -2.81 -17.53
N LEU A 235 -19.83 -3.70 -16.60
CA LEU A 235 -20.48 -4.95 -16.99
C LEU A 235 -21.99 -4.82 -17.07
N LEU A 236 -22.61 -3.96 -16.26
CA LEU A 236 -24.07 -3.79 -16.37
C LEU A 236 -24.52 -3.42 -17.77
N PRO A 237 -23.95 -2.39 -18.42
CA PRO A 237 -24.39 -2.11 -19.80
C PRO A 237 -24.20 -3.28 -20.73
N ARG A 238 -23.11 -4.04 -20.56
CA ARG A 238 -22.90 -5.22 -21.38
C ARG A 238 -23.96 -6.27 -21.11
N TYR A 239 -24.37 -6.42 -19.85
CA TYR A 239 -25.44 -7.36 -19.55
C TYR A 239 -26.75 -6.93 -20.20
N ILE A 240 -27.04 -5.63 -20.18
CA ILE A 240 -28.26 -5.15 -20.83
C ILE A 240 -28.20 -5.44 -22.34
N ALA A 241 -27.04 -5.19 -22.95
CA ALA A 241 -26.89 -5.47 -24.38
C ALA A 241 -27.05 -6.96 -24.66
N THR A 242 -26.51 -7.81 -23.79
CA THR A 242 -26.65 -9.25 -23.98
C THR A 242 -28.10 -9.67 -23.89
N ARG A 243 -28.85 -9.11 -22.94
CA ARG A 243 -30.26 -9.46 -22.82
C ARG A 243 -31.06 -8.95 -24.02
N VAL A 244 -30.72 -7.77 -24.53
CA VAL A 244 -31.39 -7.27 -25.74
C VAL A 244 -31.09 -8.19 -26.92
N TYR A 245 -29.85 -8.65 -27.03
CA TYR A 245 -29.49 -9.57 -28.11
C TYR A 245 -30.26 -10.88 -27.97
N ALA A 246 -30.38 -11.40 -26.75
CA ALA A 246 -31.16 -12.61 -26.53
C ALA A 246 -32.61 -12.40 -26.92
N ALA A 247 -33.18 -11.24 -26.57
CA ALA A 247 -34.56 -10.95 -26.96
C ALA A 247 -34.69 -10.89 -28.47
N LEU A 248 -33.74 -10.30 -29.16
CA LEU A 248 -33.79 -10.24 -30.62
C LEU A 248 -33.71 -11.63 -31.23
N LEU A 249 -32.85 -12.48 -30.68
CA LEU A 249 -32.76 -13.85 -31.18
C LEU A 249 -34.06 -14.62 -30.96
N GLU A 250 -34.65 -14.48 -29.77
CA GLU A 250 -35.93 -15.13 -29.51
C GLU A 250 -37.00 -14.61 -30.45
N ALA A 251 -37.01 -13.30 -30.71
CA ALA A 251 -37.96 -12.73 -31.65
C ALA A 251 -37.77 -13.28 -33.04
N ALA A 252 -36.51 -13.44 -33.48
CA ALA A 252 -36.26 -14.00 -34.80
C ALA A 252 -36.77 -15.43 -34.90
N ALA A 253 -36.49 -16.25 -33.87
CA ALA A 253 -36.99 -17.61 -33.88
C ALA A 253 -38.52 -17.64 -33.90
N SER A 254 -39.15 -16.79 -33.09
CA SER A 254 -40.60 -16.76 -33.04
C SER A 254 -41.19 -16.31 -34.37
N GLU A 255 -40.57 -15.32 -35.01
CA GLU A 255 -41.05 -14.87 -36.31
C GLU A 255 -40.95 -15.98 -37.34
N SER A 256 -39.84 -16.72 -37.34
CA SER A 256 -39.71 -17.83 -38.28
C SER A 256 -40.78 -18.88 -38.03
N ALA A 257 -41.02 -19.22 -36.76
CA ALA A 257 -42.04 -20.21 -36.44
C ALA A 257 -43.42 -19.74 -36.87
N SER A 258 -43.75 -18.49 -36.58
CA SER A 258 -45.07 -17.97 -36.94
C SER A 258 -45.23 -17.87 -38.45
N ARG A 259 -44.16 -17.53 -39.17
CA ARG A 259 -44.24 -17.51 -40.63
C ARG A 259 -44.44 -18.91 -41.19
N ARG A 260 -43.77 -19.90 -40.60
CA ARG A 260 -43.98 -21.28 -41.02
C ARG A 260 -45.43 -21.69 -40.81
N ARG A 261 -45.99 -21.36 -39.63
CA ARG A 261 -47.38 -21.70 -39.37
C ARG A 261 -48.32 -20.98 -40.32
N ALA A 262 -48.06 -19.70 -40.58
CA ALA A 262 -48.91 -18.92 -41.48
C ALA A 262 -48.88 -19.49 -42.89
N MET A 263 -47.69 -19.88 -43.36
CA MET A 263 -47.59 -20.47 -44.69
C MET A 263 -48.26 -21.83 -44.76
N LYS A 264 -48.15 -22.62 -43.69
CA LYS A 264 -48.90 -23.88 -43.66
C LYS A 264 -50.39 -23.63 -43.74
N SER A 265 -50.89 -22.65 -42.99
CA SER A 265 -52.31 -22.33 -43.03
C SER A 265 -52.73 -21.83 -44.41
N ALA A 266 -51.90 -21.00 -45.04
CA ALA A 266 -52.22 -20.49 -46.36
C ALA A 266 -52.26 -21.62 -47.39
N THR A 267 -51.30 -22.55 -47.31
CA THR A 267 -51.30 -23.69 -48.22
C THR A 267 -52.54 -24.55 -47.99
N ASP A 268 -52.93 -24.74 -46.73
CA ASP A 268 -54.17 -25.47 -46.46
C ASP A 268 -55.37 -24.75 -47.06
N ASN A 269 -55.41 -23.42 -46.94
CA ASN A 269 -56.51 -22.66 -47.52
C ASN A 269 -56.51 -22.77 -49.04
N ALA A 270 -55.34 -22.71 -49.66
CA ALA A 270 -55.24 -22.82 -51.11
C ALA A 270 -55.13 -24.27 -51.53
N ASP B 3 -1.72 -27.74 -16.86
CA ASP B 3 -2.59 -27.37 -17.97
C ASP B 3 -3.90 -26.77 -17.44
N LEU B 4 -4.31 -25.65 -18.04
CA LEU B 4 -5.55 -24.99 -17.70
C LEU B 4 -6.43 -24.90 -18.94
N ASN B 5 -7.74 -24.95 -18.72
CA ASN B 5 -8.71 -24.94 -19.81
C ASN B 5 -9.08 -23.50 -20.14
N VAL B 6 -8.70 -23.05 -21.32
CA VAL B 6 -9.06 -21.72 -21.80
C VAL B 6 -10.33 -21.84 -22.62
N GLU B 7 -11.22 -20.86 -22.46
CA GLU B 7 -12.47 -20.80 -23.21
C GLU B 7 -12.69 -19.35 -23.62
N ILE B 8 -12.49 -19.06 -24.90
CA ILE B 8 -12.79 -17.76 -25.47
C ILE B 8 -14.19 -17.80 -26.04
N VAL B 9 -15.09 -17.04 -25.45
CA VAL B 9 -16.53 -17.10 -25.73
C VAL B 9 -16.98 -15.73 -26.20
N ALA B 10 -17.53 -15.65 -27.40
CA ALA B 10 -18.09 -14.42 -27.91
C ALA B 10 -19.59 -14.35 -27.56
N VAL B 11 -20.16 -13.17 -27.76
CA VAL B 11 -21.59 -13.00 -27.47
C VAL B 11 -22.41 -13.92 -28.38
N GLU B 12 -22.09 -13.94 -29.67
CA GLU B 12 -22.87 -14.71 -30.62
C GLU B 12 -22.59 -16.20 -30.53
N ARG B 13 -21.33 -16.58 -30.30
CA ARG B 13 -20.98 -17.99 -30.27
C ARG B 13 -19.71 -18.20 -29.46
N GLU B 14 -19.51 -19.44 -29.03
CA GLU B 14 -18.29 -19.83 -28.34
C GLU B 14 -17.18 -20.03 -29.37
N LEU B 15 -16.13 -19.22 -29.28
CA LEU B 15 -15.12 -19.20 -30.34
C LEU B 15 -14.13 -20.35 -30.20
N TRP B 16 -13.41 -20.41 -29.07
CA TRP B 16 -12.37 -21.41 -28.92
C TRP B 16 -12.41 -22.00 -27.52
N SER B 17 -11.95 -23.24 -27.40
CA SER B 17 -11.89 -23.91 -26.11
C SER B 17 -10.82 -24.99 -26.19
N GLY B 18 -9.98 -25.07 -25.17
CA GLY B 18 -8.97 -26.10 -25.13
C GLY B 18 -7.91 -25.90 -24.06
N PRO B 19 -7.03 -26.89 -23.92
CA PRO B 19 -5.96 -26.77 -22.92
C PRO B 19 -4.92 -25.75 -23.33
N ALA B 20 -4.24 -25.20 -22.34
CA ALA B 20 -3.16 -24.25 -22.55
C ALA B 20 -2.27 -24.23 -21.33
N THR B 21 -1.00 -23.90 -21.55
CA THR B 21 -0.04 -23.81 -20.45
C THR B 21 0.09 -22.40 -19.90
N PHE B 22 -0.15 -21.38 -20.71
CA PHE B 22 0.00 -20.00 -20.25
C PHE B 22 -1.01 -19.13 -20.98
N VAL B 23 -1.54 -18.12 -20.28
CA VAL B 23 -2.45 -17.17 -20.89
C VAL B 23 -1.97 -15.76 -20.55
N PHE B 24 -1.61 -14.98 -21.55
CA PHE B 24 -1.17 -13.61 -21.38
C PHE B 24 -2.19 -12.65 -21.96
N THR B 25 -2.50 -11.59 -21.22
CA THR B 25 -3.39 -10.56 -21.72
C THR B 25 -3.08 -9.26 -21.02
N ARG B 26 -3.89 -8.24 -21.30
CA ARG B 26 -3.65 -6.88 -20.84
C ARG B 26 -4.95 -6.35 -20.25
N THR B 27 -5.11 -6.48 -18.94
CA THR B 27 -6.30 -5.97 -18.28
C THR B 27 -6.19 -4.47 -18.05
N THR B 28 -7.26 -3.88 -17.52
CA THR B 28 -7.23 -2.46 -17.20
C THR B 28 -6.23 -2.15 -16.10
N ALA B 29 -5.99 -3.13 -15.21
CA ALA B 29 -4.97 -2.94 -14.19
C ALA B 29 -3.57 -2.99 -14.79
N GLY B 30 -3.35 -3.90 -15.73
CA GLY B 30 -2.06 -4.02 -16.37
C GLY B 30 -1.90 -5.38 -16.98
N GLU B 31 -0.72 -5.60 -17.59
CA GLU B 31 -0.42 -6.89 -18.20
C GLU B 31 -0.54 -7.99 -17.15
N ILE B 32 -1.13 -9.11 -17.53
CA ILE B 32 -1.38 -10.21 -16.62
C ILE B 32 -1.03 -11.52 -17.32
N GLY B 33 -0.40 -12.42 -16.57
CA GLY B 33 -0.13 -13.76 -17.02
C GLY B 33 -0.74 -14.78 -16.08
N ILE B 34 -1.41 -15.77 -16.64
CA ILE B 34 -2.13 -16.78 -15.88
C ILE B 34 -1.50 -18.13 -16.17
N LEU B 35 -1.11 -18.82 -15.11
CA LEU B 35 -0.62 -20.19 -15.11
C LEU B 35 -1.63 -21.10 -14.44
N PRO B 36 -1.50 -22.43 -14.61
CA PRO B 36 -2.58 -23.35 -14.23
C PRO B 36 -3.37 -23.03 -12.96
N ARG B 37 -2.71 -22.84 -11.82
CA ARG B 37 -3.43 -22.73 -10.54
C ARG B 37 -3.56 -21.29 -10.06
N HIS B 38 -3.76 -20.35 -10.97
CA HIS B 38 -3.93 -18.96 -10.58
C HIS B 38 -5.16 -18.79 -9.71
N ILE B 39 -5.13 -17.80 -8.83
CA ILE B 39 -6.23 -17.54 -7.90
C ILE B 39 -7.45 -17.08 -8.70
N PRO B 40 -8.67 -17.28 -8.19
CA PRO B 40 -9.84 -16.77 -8.89
C PRO B 40 -9.75 -15.26 -9.09
N LEU B 41 -10.20 -14.80 -10.26
CA LEU B 41 -9.99 -13.41 -10.64
C LEU B 41 -11.04 -13.00 -11.65
N VAL B 42 -11.46 -11.74 -11.57
CA VAL B 42 -12.31 -11.14 -12.58
C VAL B 42 -11.71 -9.80 -12.96
N ALA B 43 -11.54 -9.57 -14.26
CA ALA B 43 -10.90 -8.35 -14.75
C ALA B 43 -11.54 -7.94 -16.06
N GLN B 44 -11.27 -6.70 -16.46
CA GLN B 44 -11.71 -6.19 -17.74
C GLN B 44 -10.51 -5.96 -18.64
N LEU B 45 -10.56 -6.51 -19.85
CA LEU B 45 -9.49 -6.31 -20.81
C LEU B 45 -9.53 -4.90 -21.39
N VAL B 46 -8.36 -4.40 -21.77
CA VAL B 46 -8.26 -3.07 -22.35
C VAL B 46 -8.99 -3.06 -23.69
N ASP B 47 -9.26 -1.87 -24.21
CA ASP B 47 -10.06 -1.76 -25.43
C ASP B 47 -9.38 -2.46 -26.60
N ASP B 48 -8.06 -2.30 -26.73
CA ASP B 48 -7.29 -2.93 -27.80
C ASP B 48 -6.52 -4.14 -27.30
N ALA B 49 -7.13 -4.92 -26.42
CA ALA B 49 -6.45 -6.04 -25.81
C ALA B 49 -6.13 -7.13 -26.82
N MET B 50 -5.04 -7.85 -26.56
CA MET B 50 -4.66 -9.03 -27.30
C MET B 50 -4.41 -10.16 -26.31
N VAL B 51 -4.86 -11.36 -26.65
CA VAL B 51 -4.74 -12.52 -25.78
C VAL B 51 -3.81 -13.53 -26.46
N ARG B 52 -2.75 -13.91 -25.76
CA ARG B 52 -1.83 -14.94 -26.22
C ARG B 52 -2.06 -16.19 -25.38
N VAL B 53 -2.25 -17.32 -26.05
CA VAL B 53 -2.51 -18.60 -25.39
C VAL B 53 -1.39 -19.54 -25.79
N GLU B 54 -0.49 -19.84 -24.85
CA GLU B 54 0.63 -20.74 -25.10
C GLU B 54 0.21 -22.14 -24.69
N ARG B 55 0.23 -23.05 -25.66
CA ARG B 55 -0.22 -24.42 -25.52
C ARG B 55 0.98 -25.36 -25.53
N GLU B 56 0.69 -26.66 -25.47
CA GLU B 56 1.71 -27.70 -25.47
C GLU B 56 1.85 -28.28 -26.87
N GLY B 57 3.05 -28.16 -27.44
CA GLY B 57 3.30 -28.73 -28.75
C GLY B 57 2.62 -28.03 -29.90
N GLU B 58 2.27 -26.75 -29.72
CA GLU B 58 1.62 -25.99 -30.79
C GLU B 58 2.04 -24.53 -30.68
N ASP B 59 1.94 -23.82 -31.79
CA ASP B 59 2.18 -22.39 -31.78
C ASP B 59 1.08 -21.69 -30.98
N ASP B 60 1.49 -20.74 -30.16
CA ASP B 60 0.53 -20.06 -29.30
C ASP B 60 -0.46 -19.26 -30.15
N LEU B 61 -1.72 -19.26 -29.71
CA LEU B 61 -2.75 -18.47 -30.38
C LEU B 61 -2.62 -17.01 -30.01
N ARG B 62 -2.79 -16.13 -30.99
CA ARG B 62 -2.85 -14.70 -30.76
C ARG B 62 -4.20 -14.21 -31.24
N ILE B 63 -5.02 -13.71 -30.31
CA ILE B 63 -6.39 -13.33 -30.58
C ILE B 63 -6.53 -11.84 -30.31
N ALA B 64 -6.99 -11.09 -31.30
CA ALA B 64 -7.41 -9.71 -31.09
C ALA B 64 -8.81 -9.73 -30.49
N VAL B 65 -9.01 -8.97 -29.42
CA VAL B 65 -10.22 -9.02 -28.62
C VAL B 65 -10.83 -7.63 -28.58
N ASP B 66 -12.13 -7.55 -28.87
CA ASP B 66 -12.91 -6.32 -28.76
C ASP B 66 -13.95 -6.51 -27.66
N GLY B 67 -13.89 -5.66 -26.64
CA GLY B 67 -14.81 -5.74 -25.52
C GLY B 67 -14.62 -7.00 -24.72
N GLY B 68 -13.49 -7.11 -24.03
CA GLY B 68 -13.16 -8.34 -23.33
C GLY B 68 -13.28 -8.27 -21.82
N PHE B 69 -13.62 -9.41 -21.22
CA PHE B 69 -13.57 -9.60 -19.79
C PHE B 69 -12.89 -10.93 -19.51
N LEU B 70 -12.16 -11.00 -18.41
CA LEU B 70 -11.39 -12.17 -18.04
C LEU B 70 -11.94 -12.72 -16.72
N SER B 71 -12.08 -14.05 -16.65
CA SER B 71 -12.57 -14.74 -15.48
C SER B 71 -11.71 -15.97 -15.25
N VAL B 72 -10.78 -15.87 -14.30
CA VAL B 72 -9.96 -17.01 -13.93
C VAL B 72 -10.63 -17.75 -12.78
N THR B 73 -10.72 -19.06 -12.90
CA THR B 73 -11.33 -19.91 -11.89
C THR B 73 -10.35 -21.04 -11.59
N GLU B 74 -10.62 -21.77 -10.51
CA GLU B 74 -9.71 -22.84 -10.10
C GLU B 74 -9.49 -23.83 -11.22
N GLU B 75 -10.48 -24.02 -12.09
CA GLU B 75 -10.40 -24.99 -13.17
C GLU B 75 -10.25 -24.36 -14.55
N THR B 76 -10.93 -23.24 -14.81
CA THR B 76 -11.04 -22.70 -16.16
C THR B 76 -10.73 -21.21 -16.16
N VAL B 77 -10.10 -20.75 -17.24
CA VAL B 77 -9.91 -19.33 -17.52
C VAL B 77 -10.76 -19.02 -18.74
N ARG B 78 -11.66 -18.06 -18.60
CA ARG B 78 -12.65 -17.74 -19.62
C ARG B 78 -12.49 -16.28 -20.04
N ILE B 79 -12.47 -16.03 -21.33
CA ILE B 79 -12.45 -14.69 -21.87
C ILE B 79 -13.79 -14.47 -22.58
N LEU B 80 -14.59 -13.54 -22.05
CA LEU B 80 -15.86 -13.17 -22.65
C LEU B 80 -15.65 -11.94 -23.52
N VAL B 81 -15.84 -12.08 -24.83
CA VAL B 81 -15.49 -11.05 -25.80
C VAL B 81 -16.74 -10.63 -26.55
N GLU B 82 -16.88 -9.33 -26.80
CA GLU B 82 -17.87 -8.88 -27.76
C GLU B 82 -17.52 -9.36 -29.16
N ASN B 83 -16.23 -9.32 -29.50
CA ASN B 83 -15.78 -9.86 -30.78
C ASN B 83 -14.33 -10.29 -30.62
N ALA B 84 -13.88 -11.17 -31.52
CA ALA B 84 -12.49 -11.60 -31.48
C ALA B 84 -12.10 -12.19 -32.81
N GLN B 85 -10.83 -12.03 -33.15
CA GLN B 85 -10.28 -12.55 -34.40
C GLN B 85 -8.94 -13.21 -34.14
N PHE B 86 -8.79 -14.44 -34.63
CA PHE B 86 -7.51 -15.11 -34.51
C PHE B 86 -6.48 -14.46 -35.42
N GLU B 87 -5.21 -14.79 -35.17
CA GLU B 87 -4.13 -14.17 -35.93
C GLU B 87 -4.27 -14.47 -37.42
N SER B 88 -4.59 -15.72 -37.77
CA SER B 88 -4.71 -16.08 -39.18
C SER B 88 -5.82 -15.31 -39.86
N GLU B 89 -6.96 -15.15 -39.19
CA GLU B 89 -8.11 -14.51 -39.82
C GLU B 89 -7.90 -13.01 -40.03
N ILE B 90 -6.94 -12.40 -39.34
CA ILE B 90 -6.74 -10.95 -39.45
C ILE B 90 -6.15 -10.62 -40.80
N ASP B 91 -6.49 -9.43 -41.30
CA ASP B 91 -5.91 -8.87 -42.52
C ASP B 91 -5.09 -7.65 -42.15
N ALA B 92 -3.81 -7.66 -42.50
CA ALA B 92 -2.89 -6.63 -42.02
C ALA B 92 -3.29 -5.25 -42.52
N ASP B 93 -3.61 -5.12 -43.80
CA ASP B 93 -3.85 -3.81 -44.38
C ASP B 93 -5.07 -3.14 -43.76
N ALA B 94 -6.16 -3.89 -43.58
CA ALA B 94 -7.36 -3.33 -42.96
C ALA B 94 -7.08 -2.92 -41.52
N ALA B 95 -6.31 -3.73 -40.80
CA ALA B 95 -5.95 -3.38 -39.43
C ALA B 95 -5.16 -2.07 -39.39
N LYS B 96 -4.20 -1.94 -40.30
CA LYS B 96 -3.42 -0.69 -40.37
C LYS B 96 -4.33 0.50 -40.65
N GLU B 97 -5.24 0.34 -41.62
CA GLU B 97 -6.11 1.46 -41.98
C GLU B 97 -7.02 1.84 -40.82
N ASP B 98 -7.61 0.85 -40.15
CA ASP B 98 -8.54 1.12 -39.07
C ASP B 98 -7.84 1.73 -37.86
N ALA B 99 -6.62 1.29 -37.58
CA ALA B 99 -5.87 1.84 -36.46
C ALA B 99 -5.69 3.35 -36.64
N ALA B 100 -5.83 4.09 -35.55
CA ALA B 100 -5.67 5.54 -35.56
C ALA B 100 -6.67 6.20 -36.51
N SER B 101 -7.94 5.83 -36.35
CA SER B 101 -9.04 6.49 -37.04
C SER B 101 -9.78 7.40 -36.07
N ASP B 102 -10.70 8.20 -36.61
CA ASP B 102 -11.43 9.15 -35.77
C ASP B 102 -12.25 8.42 -34.71
N ASP B 103 -12.93 7.35 -35.09
CA ASP B 103 -13.71 6.58 -34.12
C ASP B 103 -12.78 5.86 -33.15
N GLU B 104 -13.00 6.08 -31.85
CA GLU B 104 -12.13 5.46 -30.85
C GLU B 104 -12.23 3.94 -30.90
N ARG B 105 -13.45 3.42 -31.04
CA ARG B 105 -13.62 1.97 -31.03
C ARG B 105 -12.99 1.33 -32.26
N THR B 106 -13.12 1.95 -33.43
CA THR B 106 -12.50 1.42 -34.63
C THR B 106 -10.98 1.42 -34.49
N ALA B 107 -10.42 2.52 -33.97
CA ALA B 107 -8.98 2.58 -33.76
C ALA B 107 -8.52 1.51 -32.77
N ALA B 108 -9.29 1.30 -31.69
CA ALA B 108 -8.94 0.27 -30.73
C ALA B 108 -8.96 -1.11 -31.36
N TRP B 109 -9.97 -1.39 -32.18
CA TRP B 109 -10.05 -2.68 -32.85
C TRP B 109 -8.87 -2.87 -33.81
N GLY B 110 -8.52 -1.83 -34.56
CA GLY B 110 -7.37 -1.92 -35.44
C GLY B 110 -6.08 -2.15 -34.67
N ARG B 111 -5.92 -1.46 -33.54
CA ARG B 111 -4.74 -1.65 -32.72
C ARG B 111 -4.67 -3.06 -32.16
N ALA B 112 -5.82 -3.60 -31.74
CA ALA B 112 -5.85 -4.97 -31.24
C ALA B 112 -5.45 -5.96 -32.34
N ARG B 113 -5.97 -5.76 -33.55
CA ARG B 113 -5.61 -6.65 -34.65
C ARG B 113 -4.12 -6.54 -34.98
N LEU B 114 -3.57 -5.33 -34.98
CA LEU B 114 -2.14 -5.16 -35.20
C LEU B 114 -1.33 -5.85 -34.11
N ARG B 115 -1.76 -5.71 -32.86
CA ARG B 115 -1.06 -6.37 -31.76
C ARG B 115 -1.08 -7.88 -31.93
N ALA B 116 -2.23 -8.43 -32.34
CA ALA B 116 -2.30 -9.87 -32.59
C ALA B 116 -1.35 -10.26 -33.72
N LEU B 117 -1.31 -9.47 -34.79
CA LEU B 117 -0.42 -9.79 -35.90
C LEU B 117 1.04 -9.77 -35.47
N GLY B 118 1.36 -9.01 -34.44
CA GLY B 118 2.74 -8.81 -34.01
C GLY B 118 3.33 -7.49 -34.42
N GLN B 119 2.68 -6.76 -35.32
CA GLN B 119 3.17 -5.45 -35.72
C GLN B 119 3.12 -4.45 -34.56
N ILE B 120 2.32 -4.73 -33.55
CA ILE B 120 2.21 -3.89 -32.35
C ILE B 120 2.29 -2.40 -32.70
N ASP C 2 45.35 13.00 32.68
CA ASP C 2 45.67 13.60 31.39
C ASP C 2 45.45 12.60 30.26
N LEU C 3 44.21 12.51 29.78
CA LEU C 3 43.90 11.60 28.69
C LEU C 3 44.58 12.02 27.40
N ASP C 4 44.95 11.04 26.59
CA ASP C 4 45.59 11.30 25.31
C ASP C 4 44.56 11.89 24.35
N PRO C 5 44.80 13.07 23.77
CA PRO C 5 43.81 13.62 22.83
C PRO C 5 43.49 12.67 21.68
N ASN C 6 44.50 11.99 21.16
CA ASN C 6 44.27 11.07 20.05
C ASN C 6 43.34 9.95 20.45
N ALA C 7 43.37 9.52 21.72
CA ALA C 7 42.46 8.47 22.16
C ALA C 7 41.01 8.92 22.05
N ILE C 8 40.71 10.13 22.53
CA ILE C 8 39.35 10.64 22.44
C ILE C 8 38.95 10.81 20.98
N ILE C 9 39.85 11.35 20.16
CA ILE C 9 39.52 11.56 18.75
C ILE C 9 39.24 10.22 18.08
N THR C 10 40.04 9.20 18.38
CA THR C 10 39.83 7.88 17.78
C THR C 10 38.52 7.27 18.24
N ALA C 11 38.18 7.41 19.52
CA ALA C 11 36.90 6.88 20.00
C ALA C 11 35.74 7.57 19.29
N GLY C 12 35.81 8.89 19.17
CA GLY C 12 34.76 9.61 18.46
C GLY C 12 34.66 9.20 17.01
N ALA C 13 35.80 9.02 16.35
CA ALA C 13 35.80 8.58 14.96
C ALA C 13 35.18 7.20 14.83
N LEU C 14 35.49 6.30 15.76
CA LEU C 14 34.90 4.96 15.71
C LEU C 14 33.39 5.02 15.89
N ILE C 15 32.91 5.83 16.84
CA ILE C 15 31.47 5.96 17.04
C ILE C 15 30.82 6.55 15.80
N GLY C 16 31.43 7.57 15.21
CA GLY C 16 30.87 8.15 14.00
C GLY C 16 30.82 7.18 12.84
N GLY C 17 31.89 6.41 12.66
CA GLY C 17 31.89 5.40 11.61
C GLY C 17 30.86 4.32 11.85
N GLY C 18 30.68 3.93 13.11
CA GLY C 18 29.63 2.98 13.42
C GLY C 18 28.25 3.51 13.08
N LEU C 19 28.00 4.79 13.41
CA LEU C 19 26.74 5.40 13.02
C LEU C 19 26.57 5.42 11.50
N ILE C 20 27.63 5.78 10.79
CA ILE C 20 27.57 5.82 9.33
C ILE C 20 27.17 4.47 8.77
N MET C 21 27.86 3.41 9.22
CA MET C 21 27.61 2.08 8.68
C MET C 21 26.25 1.56 9.10
N GLY C 22 25.82 1.85 10.34
CA GLY C 22 24.50 1.42 10.76
C GLY C 22 23.39 2.04 9.95
N GLY C 23 23.48 3.36 9.75
CA GLY C 23 22.48 4.03 8.92
C GLY C 23 22.50 3.55 7.49
N GLY C 24 23.70 3.37 6.93
CA GLY C 24 23.80 2.86 5.57
C GLY C 24 23.21 1.47 5.44
N ALA C 25 23.47 0.60 6.41
CA ALA C 25 22.93 -0.74 6.37
C ALA C 25 21.42 -0.72 6.47
N ILE C 26 20.87 0.09 7.37
CA ILE C 26 19.41 0.20 7.45
C ILE C 26 18.84 0.63 6.10
N GLY C 27 19.38 1.70 5.54
CA GLY C 27 18.86 2.22 4.29
C GLY C 27 18.96 1.21 3.17
N ALA C 28 20.13 0.61 2.99
CA ALA C 28 20.33 -0.34 1.92
C ALA C 28 19.44 -1.55 2.08
N GLY C 29 19.38 -2.13 3.28
CA GLY C 29 18.56 -3.30 3.47
C GLY C 29 17.11 -3.03 3.17
N ILE C 30 16.56 -1.94 3.71
CA ILE C 30 15.13 -1.69 3.52
C ILE C 30 14.83 -1.32 2.07
N GLY C 31 15.69 -0.50 1.46
CA GLY C 31 15.45 -0.13 0.07
C GLY C 31 15.55 -1.30 -0.88
N ASP C 32 16.55 -2.17 -0.67
CA ASP C 32 16.68 -3.36 -1.49
C ASP C 32 15.50 -4.29 -1.26
N GLY C 33 15.03 -4.42 -0.03
CA GLY C 33 13.85 -5.20 0.23
C GLY C 33 12.64 -4.68 -0.52
N ILE C 34 12.47 -3.35 -0.54
CA ILE C 34 11.32 -2.76 -1.23
C ILE C 34 11.42 -2.99 -2.73
N ALA C 35 12.61 -2.76 -3.30
CA ALA C 35 12.79 -2.97 -4.73
C ALA C 35 12.58 -4.43 -5.11
N GLY C 36 13.12 -5.36 -4.32
CA GLY C 36 12.89 -6.76 -4.58
C GLY C 36 11.45 -7.17 -4.40
N ASN C 37 10.74 -6.53 -3.47
CA ASN C 37 9.31 -6.76 -3.34
C ASN C 37 8.59 -6.38 -4.62
N ALA C 38 8.94 -5.22 -5.18
CA ALA C 38 8.34 -4.81 -6.44
C ALA C 38 8.66 -5.81 -7.55
N LEU C 39 9.92 -6.26 -7.61
CA LEU C 39 10.31 -7.21 -8.66
C LEU C 39 9.55 -8.52 -8.53
N ILE C 40 9.47 -9.05 -7.31
CA ILE C 40 8.80 -10.33 -7.09
C ILE C 40 7.32 -10.21 -7.40
N SER C 41 6.68 -9.13 -6.95
CA SER C 41 5.27 -8.94 -7.27
C SER C 41 5.04 -8.83 -8.76
N GLY C 42 5.90 -8.09 -9.46
CA GLY C 42 5.76 -7.96 -10.90
C GLY C 42 5.89 -9.29 -11.61
N ILE C 43 6.87 -10.11 -11.21
CA ILE C 43 7.02 -11.41 -11.84
C ILE C 43 5.83 -12.30 -11.50
N ALA C 44 5.32 -12.22 -10.28
CA ALA C 44 4.17 -13.04 -9.90
C ALA C 44 2.95 -12.69 -10.74
N ARG C 45 2.69 -11.39 -10.93
CA ARG C 45 1.54 -10.98 -11.72
C ARG C 45 1.65 -11.47 -13.16
N GLN C 46 2.83 -11.34 -13.75
CA GLN C 46 3.04 -11.71 -15.14
C GLN C 46 4.43 -12.33 -15.25
N PRO C 47 4.54 -13.65 -15.14
CA PRO C 47 5.87 -14.28 -15.08
C PRO C 47 6.81 -13.88 -16.21
N GLU C 48 6.33 -13.86 -17.46
CA GLU C 48 7.21 -13.59 -18.58
C GLU C 48 7.79 -12.18 -18.56
N ALA C 49 7.25 -11.29 -17.74
CA ALA C 49 7.83 -9.96 -17.61
C ALA C 49 9.21 -9.99 -16.96
N GLN C 50 9.59 -11.11 -16.34
CA GLN C 50 10.84 -11.21 -15.61
C GLN C 50 11.99 -10.53 -16.35
N GLY C 51 12.22 -10.93 -17.60
CA GLY C 51 13.38 -10.45 -18.32
C GLY C 51 13.44 -8.93 -18.38
N ARG C 52 12.31 -8.28 -18.60
CA ARG C 52 12.31 -6.83 -18.74
C ARG C 52 12.30 -6.09 -17.42
N LEU C 53 12.13 -6.79 -16.29
CA LEU C 53 12.07 -6.13 -14.99
C LEU C 53 13.43 -6.04 -14.31
N PHE C 54 14.47 -6.66 -14.85
CA PHE C 54 15.78 -6.57 -14.22
C PHE C 54 16.43 -5.22 -14.49
N THR C 55 16.17 -4.62 -15.65
CA THR C 55 16.77 -3.33 -15.93
C THR C 55 16.37 -2.26 -14.93
N PRO C 56 15.08 -2.02 -14.67
CA PRO C 56 14.74 -1.05 -13.63
C PRO C 56 15.20 -1.50 -12.25
N PHE C 57 14.94 -2.77 -11.91
CA PHE C 57 15.35 -3.29 -10.61
C PHE C 57 16.79 -2.90 -10.29
N PHE C 58 17.73 -3.34 -11.13
CA PHE C 58 19.13 -3.05 -10.87
C PHE C 58 19.37 -1.55 -10.79
N ILE C 59 18.75 -0.79 -11.70
CA ILE C 59 18.84 0.67 -11.59
C ILE C 59 18.48 1.09 -10.18
N THR C 60 17.28 0.72 -9.73
CA THR C 60 16.88 1.02 -8.37
C THR C 60 17.95 0.56 -7.38
N VAL C 61 18.40 -0.69 -7.53
CA VAL C 61 19.40 -1.22 -6.61
C VAL C 61 20.60 -0.29 -6.59
N GLY C 62 21.09 0.09 -7.77
CA GLY C 62 22.17 1.04 -7.85
C GLY C 62 21.86 2.24 -6.99
N LEU C 63 20.77 2.93 -7.33
CA LEU C 63 20.45 4.18 -6.64
C LEU C 63 20.34 3.97 -5.14
N VAL C 64 20.04 2.75 -4.71
CA VAL C 64 20.05 2.46 -3.27
C VAL C 64 21.46 2.19 -2.80
N GLU C 65 22.10 1.16 -3.39
CA GLU C 65 23.39 0.71 -2.88
C GLU C 65 24.36 1.87 -2.77
N ALA C 66 24.36 2.77 -3.75
CA ALA C 66 25.25 3.93 -3.73
C ALA C 66 25.32 4.51 -2.34
N ALA C 67 24.17 4.95 -1.81
CA ALA C 67 24.15 5.55 -0.48
C ALA C 67 24.99 4.72 0.48
N TYR C 68 24.56 3.48 0.72
CA TYR C 68 25.28 2.59 1.62
C TYR C 68 26.77 2.61 1.32
N PHE C 69 27.13 2.27 0.09
CA PHE C 69 28.55 2.14 -0.23
C PHE C 69 29.25 3.48 -0.09
N ILE C 70 28.59 4.56 -0.49
CA ILE C 70 29.18 5.88 -0.28
C ILE C 70 29.48 6.06 1.20
N ASN C 71 28.47 5.79 2.05
CA ASN C 71 28.67 5.85 3.48
C ASN C 71 29.88 5.01 3.87
N LEU C 72 29.95 3.79 3.35
CA LEU C 72 31.06 2.90 3.70
C LEU C 72 32.38 3.61 3.48
N ALA C 73 32.55 4.24 2.32
CA ALA C 73 33.80 4.93 2.02
C ALA C 73 34.14 5.90 3.15
N PHE C 74 33.19 6.76 3.50
CA PHE C 74 33.47 7.75 4.53
C PHE C 74 33.76 7.09 5.87
N MET C 75 33.07 5.99 6.17
CA MET C 75 33.39 5.26 7.39
C MET C 75 34.86 4.89 7.41
N ALA C 76 35.37 4.38 6.29
CA ALA C 76 36.79 4.12 6.20
C ALA C 76 37.59 5.39 6.50
N LEU C 77 37.24 6.48 5.82
CA LEU C 77 37.93 7.74 6.05
C LEU C 77 37.77 8.20 7.49
N PHE C 78 36.72 7.75 8.19
CA PHE C 78 36.58 8.08 9.60
C PHE C 78 37.55 7.29 10.46
N VAL C 79 37.72 5.99 10.16
CA VAL C 79 38.42 5.09 11.06
C VAL C 79 39.82 4.72 10.58
N PHE C 80 40.19 5.08 9.36
CA PHE C 80 41.52 4.80 8.83
C PHE C 80 42.35 6.05 8.62
N ALA C 81 41.76 7.13 8.09
CA ALA C 81 42.42 8.43 8.02
C ALA C 81 41.49 9.43 8.70
N THR C 82 41.57 9.50 10.03
CA THR C 82 40.60 10.27 10.80
C THR C 82 40.84 11.77 10.59
N PRO C 83 39.88 12.52 10.04
CA PRO C 83 40.08 13.96 9.94
C PRO C 83 40.19 14.60 11.32
N GLY C 84 41.07 15.60 11.42
CA GLY C 84 41.27 16.31 12.66
C GLY C 84 42.13 15.58 13.67
N LEU C 85 42.61 14.39 13.36
CA LEU C 85 43.45 13.66 14.31
C LEU C 85 44.78 14.39 14.51
N GLN C 86 45.23 14.43 15.75
CA GLN C 86 46.47 15.12 16.10
C GLN C 86 47.61 14.13 16.29
N ASP D 2 43.77 16.91 32.38
CA ASP D 2 43.27 17.96 31.48
C ASP D 2 43.30 17.48 30.04
N LEU D 3 42.27 17.84 29.28
CA LEU D 3 42.15 17.46 27.88
C LEU D 3 42.27 18.69 26.98
N ASP D 4 42.77 18.45 25.78
CA ASP D 4 42.84 19.50 24.77
C ASP D 4 41.43 19.83 24.28
N PRO D 5 41.00 21.10 24.32
CA PRO D 5 39.66 21.41 23.80
C PRO D 5 39.43 20.95 22.38
N ASN D 6 40.47 21.04 21.53
CA ASN D 6 40.34 20.60 20.15
C ASN D 6 39.97 19.13 20.07
N ALA D 7 40.48 18.32 20.99
CA ALA D 7 40.18 16.88 20.96
C ALA D 7 38.70 16.62 21.20
N ILE D 8 38.14 17.24 22.24
CA ILE D 8 36.72 17.05 22.53
C ILE D 8 35.88 17.59 21.38
N ILE D 9 36.24 18.76 20.86
CA ILE D 9 35.47 19.34 19.77
C ILE D 9 35.51 18.43 18.54
N THR D 10 36.68 17.84 18.26
CA THR D 10 36.81 16.98 17.11
C THR D 10 36.03 15.68 17.29
N ALA D 11 36.04 15.11 18.49
CA ALA D 11 35.24 13.92 18.74
C ALA D 11 33.75 14.22 18.57
N GLY D 12 33.30 15.35 19.11
CA GLY D 12 31.92 15.75 18.91
C GLY D 12 31.58 15.95 17.44
N ALA D 13 32.50 16.57 16.70
CA ALA D 13 32.27 16.79 15.27
C ALA D 13 32.19 15.47 14.52
N LEU D 14 33.05 14.51 14.87
CA LEU D 14 33.01 13.22 14.20
C LEU D 14 31.71 12.50 14.49
N ILE D 15 31.26 12.51 15.74
CA ILE D 15 29.98 11.87 16.07
C ILE D 15 28.83 12.57 15.35
N GLY D 16 28.86 13.91 15.32
CA GLY D 16 27.82 14.63 14.63
C GLY D 16 27.77 14.31 13.15
N GLY D 17 28.92 14.30 12.49
CA GLY D 17 28.95 13.96 11.08
C GLY D 17 28.52 12.52 10.83
N GLY D 18 28.88 11.62 11.75
CA GLY D 18 28.36 10.26 11.65
C GLY D 18 26.86 10.23 11.68
N LEU D 19 26.25 11.01 12.57
CA LEU D 19 24.79 11.11 12.59
C LEU D 19 24.26 11.69 11.29
N ILE D 20 24.90 12.76 10.79
CA ILE D 20 24.54 13.35 9.51
C ILE D 20 24.40 12.25 8.47
N MET D 21 25.49 11.50 8.27
CA MET D 21 25.54 10.54 7.18
C MET D 21 24.64 9.34 7.44
N GLY D 22 24.51 8.91 8.69
CA GLY D 22 23.60 7.81 8.98
C GLY D 22 22.18 8.15 8.62
N GLY D 23 21.71 9.32 9.06
CA GLY D 23 20.37 9.74 8.72
C GLY D 23 20.19 9.95 7.22
N GLY D 24 21.17 10.58 6.58
CA GLY D 24 21.09 10.79 5.15
C GLY D 24 21.02 9.49 4.38
N ALA D 25 21.83 8.51 4.77
CA ALA D 25 21.83 7.23 4.09
C ALA D 25 20.51 6.50 4.32
N ILE D 26 19.98 6.53 5.54
CA ILE D 26 18.68 5.89 5.78
C ILE D 26 17.64 6.50 4.86
N GLY D 27 17.55 7.84 4.85
CA GLY D 27 16.54 8.48 4.03
C GLY D 27 16.73 8.20 2.55
N ALA D 28 17.96 8.32 2.06
CA ALA D 28 18.23 8.10 0.65
C ALA D 28 17.88 6.67 0.25
N GLY D 29 18.39 5.70 1.01
CA GLY D 29 18.14 4.31 0.66
C GLY D 29 16.66 3.99 0.64
N ILE D 30 15.93 4.38 1.69
CA ILE D 30 14.53 3.98 1.77
C ILE D 30 13.70 4.72 0.73
N GLY D 31 13.94 6.02 0.56
CA GLY D 31 13.19 6.76 -0.45
C GLY D 31 13.45 6.27 -1.87
N ASP D 32 14.72 6.01 -2.18
CA ASP D 32 15.05 5.48 -3.50
C ASP D 32 14.43 4.10 -3.70
N GLY D 33 14.43 3.27 -2.66
CA GLY D 33 13.77 1.98 -2.77
C GLY D 33 12.29 2.11 -3.05
N ILE D 34 11.63 3.06 -2.38
CA ILE D 34 10.20 3.25 -2.58
C ILE D 34 9.91 3.74 -4.01
N ALA D 35 10.68 4.73 -4.46
CA ALA D 35 10.50 5.24 -5.82
C ALA D 35 10.76 4.14 -6.85
N GLY D 36 11.81 3.35 -6.63
CA GLY D 36 12.08 2.25 -7.54
C GLY D 36 11.01 1.18 -7.51
N ASN D 37 10.40 0.96 -6.34
CA ASN D 37 9.26 0.05 -6.28
C ASN D 37 8.13 0.55 -7.16
N ALA D 38 7.83 1.85 -7.08
CA ALA D 38 6.81 2.41 -7.96
C ALA D 38 7.18 2.21 -9.41
N LEU D 39 8.43 2.50 -9.76
CA LEU D 39 8.88 2.39 -11.15
C LEU D 39 8.76 0.95 -11.65
N ILE D 40 9.23 0.01 -10.84
CA ILE D 40 9.23 -1.40 -11.25
C ILE D 40 7.81 -1.90 -11.42
N SER D 41 6.91 -1.54 -10.48
CA SER D 41 5.53 -1.96 -10.61
C SER D 41 4.90 -1.38 -11.87
N GLY D 42 5.13 -0.08 -12.12
CA GLY D 42 4.56 0.53 -13.30
C GLY D 42 5.06 -0.08 -14.59
N ILE D 43 6.35 -0.40 -14.65
CA ILE D 43 6.90 -1.02 -15.85
C ILE D 43 6.38 -2.44 -16.01
N ALA D 44 6.24 -3.18 -14.91
CA ALA D 44 5.71 -4.53 -14.99
C ALA D 44 4.28 -4.51 -15.53
N ARG D 45 3.46 -3.59 -15.06
CA ARG D 45 2.08 -3.54 -15.51
C ARG D 45 1.95 -2.92 -16.90
N GLN D 46 2.79 -1.92 -17.20
CA GLN D 46 2.74 -1.21 -18.48
C GLN D 46 4.14 -1.17 -19.08
N PRO D 47 4.52 -2.19 -19.85
CA PRO D 47 5.89 -2.22 -20.40
C PRO D 47 6.22 -1.01 -21.26
N GLU D 48 5.25 -0.48 -22.00
CA GLU D 48 5.53 0.65 -22.88
C GLU D 48 5.57 1.98 -22.15
N ALA D 49 5.23 2.02 -20.87
CA ALA D 49 5.26 3.26 -20.11
C ALA D 49 6.66 3.60 -19.58
N GLN D 50 7.60 2.65 -19.64
CA GLN D 50 8.90 2.87 -19.01
C GLN D 50 9.50 4.19 -19.44
N GLY D 51 9.48 4.48 -20.74
CA GLY D 51 10.12 5.68 -21.24
C GLY D 51 9.60 6.92 -20.54
N ARG D 52 8.28 7.02 -20.38
CA ARG D 52 7.73 8.18 -19.67
C ARG D 52 7.91 8.06 -18.17
N LEU D 53 7.87 6.83 -17.63
CA LEU D 53 7.91 6.67 -16.18
C LEU D 53 9.21 7.19 -15.60
N PHE D 54 10.31 7.14 -16.37
CA PHE D 54 11.58 7.63 -15.87
C PHE D 54 11.58 9.14 -15.64
N THR D 55 10.59 9.87 -16.16
CA THR D 55 10.54 11.31 -15.88
C THR D 55 10.14 11.57 -14.44
N PRO D 56 8.96 11.17 -13.98
CA PRO D 56 8.63 11.36 -12.55
C PRO D 56 9.54 10.60 -11.61
N PHE D 57 10.20 9.56 -12.10
CA PHE D 57 11.11 8.80 -11.24
C PHE D 57 12.34 9.62 -10.90
N PHE D 58 13.12 10.00 -11.91
CA PHE D 58 14.34 10.76 -11.67
C PHE D 58 14.07 12.14 -11.10
N ILE D 59 12.84 12.63 -11.17
CA ILE D 59 12.46 13.79 -10.36
C ILE D 59 12.47 13.41 -8.89
N THR D 60 11.68 12.40 -8.53
CA THR D 60 11.63 11.95 -7.14
C THR D 60 13.03 11.64 -6.64
N VAL D 61 13.76 10.80 -7.37
CA VAL D 61 15.11 10.45 -6.95
C VAL D 61 15.93 11.71 -6.73
N GLY D 62 15.82 12.67 -7.65
CA GLY D 62 16.48 13.94 -7.49
C GLY D 62 16.27 14.47 -6.08
N LEU D 63 15.00 14.69 -5.71
CA LEU D 63 14.72 15.19 -4.37
C LEU D 63 15.35 14.29 -3.32
N VAL D 64 15.11 12.98 -3.43
CA VAL D 64 15.64 12.04 -2.45
C VAL D 64 17.16 12.16 -2.38
N GLU D 65 17.80 12.31 -3.54
CA GLU D 65 19.25 12.47 -3.53
C GLU D 65 19.66 13.79 -2.88
N ALA D 66 18.95 14.87 -3.21
CA ALA D 66 19.37 16.20 -2.77
C ALA D 66 19.67 16.20 -1.28
N ALA D 67 18.65 15.93 -0.46
CA ALA D 67 18.82 15.87 0.98
C ALA D 67 20.11 15.13 1.32
N TYR D 68 20.23 13.88 0.87
CA TYR D 68 21.41 13.10 1.15
C TYR D 68 22.68 13.91 0.94
N PHE D 69 22.89 14.39 -0.28
CA PHE D 69 24.15 15.05 -0.58
C PHE D 69 24.28 16.34 0.22
N ILE D 70 23.18 17.05 0.45
CA ILE D 70 23.25 18.21 1.32
C ILE D 70 23.81 17.80 2.67
N ASN D 71 23.24 16.74 3.25
CA ASN D 71 23.78 16.22 4.50
C ASN D 71 25.26 15.94 4.35
N LEU D 72 25.64 15.24 3.28
CA LEU D 72 27.05 14.94 3.06
C LEU D 72 27.87 16.21 3.10
N ALA D 73 27.42 17.25 2.40
CA ALA D 73 28.15 18.50 2.41
C ALA D 73 28.40 18.96 3.83
N PHE D 74 27.34 19.00 4.65
CA PHE D 74 27.51 19.49 6.01
C PHE D 74 28.38 18.53 6.83
N MET D 75 28.34 17.24 6.54
CA MET D 75 29.28 16.33 7.17
C MET D 75 30.71 16.75 6.87
N ALA D 76 30.99 17.08 5.60
CA ALA D 76 32.31 17.60 5.27
C ALA D 76 32.59 18.88 6.03
N LEU D 77 31.55 19.69 6.28
CA LEU D 77 31.73 20.88 7.09
C LEU D 77 32.03 20.53 8.55
N PHE D 78 31.49 19.42 9.05
CA PHE D 78 31.68 19.08 10.45
C PHE D 78 33.11 18.60 10.71
N VAL D 79 33.63 17.74 9.85
CA VAL D 79 34.89 17.05 10.14
C VAL D 79 36.09 17.78 9.55
N PHE D 80 35.95 18.35 8.35
CA PHE D 80 37.10 18.95 7.70
C PHE D 80 37.32 20.40 8.14
N ALA D 81 36.25 21.17 8.29
CA ALA D 81 36.32 22.54 8.81
C ALA D 81 35.28 22.65 9.93
N THR D 82 35.67 22.22 11.11
CA THR D 82 34.72 22.09 12.22
C THR D 82 34.30 23.46 12.72
N PRO D 83 33.02 23.82 12.67
CA PRO D 83 32.59 25.09 13.25
C PRO D 83 32.84 25.11 14.76
N GLY D 84 33.24 26.28 15.25
CA GLY D 84 33.51 26.44 16.67
C GLY D 84 34.80 25.79 17.14
N LEU D 85 35.58 25.19 16.25
CA LEU D 85 36.85 24.60 16.65
C LEU D 85 37.80 25.69 17.11
N GLN D 86 38.48 25.43 18.23
CA GLN D 86 39.38 26.42 18.83
C GLN D 86 40.76 26.34 18.20
N LEU E 3 39.16 21.71 31.91
CA LEU E 3 38.37 21.57 30.69
C LEU E 3 37.61 22.85 30.38
N ASP E 4 37.86 23.42 29.21
CA ASP E 4 37.18 24.65 28.82
C ASP E 4 35.70 24.38 28.62
N PRO E 5 34.81 25.11 29.30
CA PRO E 5 33.36 24.88 29.09
C PRO E 5 32.94 25.08 27.65
N ASN E 6 33.57 26.02 26.94
CA ASN E 6 33.22 26.26 25.55
C ASN E 6 33.40 25.01 24.71
N ALA E 7 34.45 24.23 25.00
CA ALA E 7 34.67 23.00 24.24
C ALA E 7 33.53 22.01 24.45
N ILE E 8 33.08 21.84 25.70
CA ILE E 8 31.99 20.91 25.98
C ILE E 8 30.73 21.39 25.28
N ILE E 9 30.44 22.69 25.36
CA ILE E 9 29.23 23.22 24.74
C ILE E 9 29.30 23.03 23.23
N THR E 10 30.47 23.26 22.63
CA THR E 10 30.60 23.11 21.19
C THR E 10 30.42 21.66 20.76
N ALA E 11 31.00 20.71 21.52
CA ALA E 11 30.81 19.31 21.19
C ALA E 11 29.35 18.91 21.29
N GLY E 12 28.67 19.36 22.35
CA GLY E 12 27.25 19.08 22.47
C GLY E 12 26.45 19.69 21.34
N ALA E 13 26.79 20.92 20.94
CA ALA E 13 26.11 21.57 19.84
C ALA E 13 26.31 20.80 18.54
N LEU E 14 27.53 20.34 18.29
CA LEU E 14 27.80 19.57 17.08
C LEU E 14 27.01 18.27 17.06
N ILE E 15 26.97 17.57 18.20
CA ILE E 15 26.19 16.33 18.25
C ILE E 15 24.71 16.62 18.04
N GLY E 16 24.20 17.69 18.66
CA GLY E 16 22.80 18.04 18.50
C GLY E 16 22.46 18.41 17.07
N GLY E 17 23.33 19.19 16.43
CA GLY E 17 23.11 19.51 15.02
C GLY E 17 23.15 18.29 14.14
N GLY E 18 24.06 17.36 14.44
CA GLY E 18 24.06 16.10 13.73
C GLY E 18 22.75 15.36 13.86
N LEU E 19 22.22 15.30 15.08
CA LEU E 19 20.92 14.66 15.28
C LEU E 19 19.83 15.37 14.48
N ILE E 20 19.82 16.71 14.53
CA ILE E 20 18.80 17.48 13.83
C ILE E 20 18.83 17.15 12.35
N MET E 21 20.01 17.23 11.75
CA MET E 21 20.11 17.08 10.31
C MET E 21 19.93 15.63 9.88
N GLY E 22 20.35 14.67 10.70
CA GLY E 22 20.08 13.28 10.37
C GLY E 22 18.60 12.97 10.38
N GLY E 23 17.89 13.43 11.41
CA GLY E 23 16.44 13.24 11.42
C GLY E 23 15.76 13.95 10.27
N GLY E 24 16.20 15.17 9.97
CA GLY E 24 15.64 15.88 8.83
C GLY E 24 15.85 15.15 7.52
N ALA E 25 17.06 14.61 7.32
CA ALA E 25 17.34 13.88 6.09
C ALA E 25 16.51 12.61 6.02
N ILE E 26 16.37 11.89 7.13
CA ILE E 26 15.52 10.69 7.12
C ILE E 26 14.10 11.05 6.71
N GLY E 27 13.53 12.07 7.36
CA GLY E 27 12.17 12.46 7.04
C GLY E 27 12.02 12.91 5.60
N ALA E 28 12.95 13.77 5.13
CA ALA E 28 12.86 14.28 3.77
C ALA E 28 12.98 13.14 2.76
N GLY E 29 13.97 12.28 2.92
CA GLY E 29 14.16 11.20 1.97
C GLY E 29 12.95 10.28 1.91
N ILE E 30 12.45 9.85 3.06
CA ILE E 30 11.36 8.88 3.05
C ILE E 30 10.07 9.53 2.56
N GLY E 31 9.79 10.77 2.99
CA GLY E 31 8.58 11.43 2.53
C GLY E 31 8.60 11.72 1.05
N ASP E 32 9.74 12.20 0.54
CA ASP E 32 9.87 12.42 -0.89
C ASP E 32 9.73 11.12 -1.66
N GLY E 33 10.31 10.04 -1.15
CA GLY E 33 10.16 8.75 -1.80
C GLY E 33 8.71 8.31 -1.86
N ILE E 34 7.97 8.49 -0.77
CA ILE E 34 6.57 8.06 -0.74
C ILE E 34 5.74 8.90 -1.70
N ALA E 35 5.93 10.22 -1.67
CA ALA E 35 5.18 11.09 -2.56
C ALA E 35 5.50 10.79 -4.02
N GLY E 36 6.78 10.56 -4.32
CA GLY E 36 7.16 10.19 -5.67
C GLY E 36 6.63 8.84 -6.09
N ASN E 37 6.51 7.91 -5.14
CA ASN E 37 5.86 6.63 -5.45
C ASN E 37 4.43 6.87 -5.88
N ALA E 38 3.71 7.71 -5.13
CA ALA E 38 2.34 8.03 -5.51
C ALA E 38 2.31 8.66 -6.91
N LEU E 39 3.20 9.61 -7.16
CA LEU E 39 3.22 10.31 -8.44
C LEU E 39 3.51 9.34 -9.59
N ILE E 40 4.51 8.48 -9.42
CA ILE E 40 4.90 7.54 -10.46
C ILE E 40 3.77 6.56 -10.75
N SER E 41 3.15 6.02 -9.69
CA SER E 41 2.05 5.09 -9.90
C SER E 41 0.88 5.77 -10.60
N GLY E 42 0.55 7.00 -10.20
CA GLY E 42 -0.52 7.72 -10.86
C GLY E 42 -0.24 7.95 -12.33
N ILE E 43 0.97 8.39 -12.65
CA ILE E 43 1.33 8.62 -14.05
C ILE E 43 1.27 7.32 -14.82
N ALA E 44 1.73 6.23 -14.22
CA ALA E 44 1.69 4.94 -14.89
C ALA E 44 0.26 4.54 -15.22
N ARG E 45 -0.65 4.67 -14.26
CA ARG E 45 -2.05 4.33 -14.53
C ARG E 45 -2.68 5.32 -15.50
N GLN E 46 -2.45 6.62 -15.27
CA GLN E 46 -3.07 7.70 -16.05
C GLN E 46 -1.97 8.50 -16.73
N PRO E 47 -1.64 8.20 -17.99
CA PRO E 47 -0.58 8.98 -18.66
C PRO E 47 -0.89 10.47 -18.74
N GLU E 48 -2.17 10.83 -18.94
CA GLU E 48 -2.55 12.23 -19.05
C GLU E 48 -2.59 12.94 -17.71
N ALA E 49 -2.76 12.20 -16.60
CA ALA E 49 -2.94 12.83 -15.29
C ALA E 49 -1.70 13.58 -14.83
N GLN E 50 -0.56 13.38 -15.47
CA GLN E 50 0.67 14.05 -15.06
C GLN E 50 0.42 15.54 -14.79
N GLY E 51 -0.21 16.22 -15.75
CA GLY E 51 -0.44 17.65 -15.60
C GLY E 51 -1.17 18.00 -14.33
N ARG E 52 -2.20 17.23 -13.99
CA ARG E 52 -2.97 17.50 -12.79
C ARG E 52 -2.34 16.91 -11.54
N LEU E 53 -1.36 16.01 -11.68
CA LEU E 53 -0.78 15.35 -10.51
C LEU E 53 0.35 16.14 -9.89
N PHE E 54 1.11 16.91 -10.68
CA PHE E 54 2.23 17.65 -10.14
C PHE E 54 1.82 18.74 -9.16
N THR E 55 0.52 19.12 -9.15
CA THR E 55 0.08 20.11 -8.16
C THR E 55 0.07 19.52 -6.76
N PRO E 56 -0.72 18.50 -6.45
CA PRO E 56 -0.65 17.91 -5.10
C PRO E 56 0.73 17.41 -4.74
N PHE E 57 1.43 16.79 -5.69
CA PHE E 57 2.77 16.30 -5.43
C PHE E 57 3.65 17.39 -4.84
N PHE E 58 3.81 18.50 -5.57
CA PHE E 58 4.64 19.58 -5.07
C PHE E 58 4.07 20.20 -3.79
N ILE E 59 2.77 20.07 -3.56
CA ILE E 59 2.24 20.45 -2.24
C ILE E 59 2.82 19.55 -1.17
N THR E 60 2.72 18.23 -1.37
CA THR E 60 3.26 17.28 -0.41
C THR E 60 4.74 17.57 -0.17
N VAL E 61 5.51 17.61 -1.24
CA VAL E 61 6.93 17.93 -1.10
C VAL E 61 7.08 19.27 -0.39
N GLY E 62 6.28 20.26 -0.78
CA GLY E 62 6.39 21.57 -0.16
C GLY E 62 6.31 21.48 1.34
N LEU E 63 5.50 20.56 1.87
CA LEU E 63 5.49 20.34 3.31
C LEU E 63 6.74 19.58 3.74
N VAL E 64 6.96 18.40 3.18
CA VAL E 64 8.08 17.56 3.63
C VAL E 64 9.37 18.35 3.59
N GLU E 65 9.74 18.82 2.39
CA GLU E 65 10.98 19.59 2.26
C GLU E 65 11.04 20.72 3.27
N ALA E 66 9.92 21.40 3.48
CA ALA E 66 9.93 22.52 4.42
C ALA E 66 10.50 22.09 5.76
N ALA E 67 9.98 21.00 6.32
CA ALA E 67 10.48 20.51 7.59
C ALA E 67 11.99 20.38 7.55
N TYR E 68 12.50 19.71 6.52
CA TYR E 68 13.94 19.52 6.40
C TYR E 68 14.66 20.86 6.52
N PHE E 69 14.24 21.84 5.73
CA PHE E 69 14.96 23.10 5.73
C PHE E 69 14.76 23.84 7.04
N ILE E 70 13.60 23.66 7.69
CA ILE E 70 13.44 24.23 9.02
C ILE E 70 14.49 23.66 9.94
N ASN E 71 14.73 22.35 9.88
CA ASN E 71 15.83 21.78 10.63
C ASN E 71 17.15 22.41 10.21
N LEU E 72 17.36 22.57 8.90
CA LEU E 72 18.55 23.26 8.43
C LEU E 72 18.66 24.65 9.01
N ALA E 73 17.53 25.31 9.27
CA ALA E 73 17.58 26.63 9.89
C ALA E 73 18.15 26.55 11.29
N PHE E 74 17.79 25.51 12.04
CA PHE E 74 18.22 25.40 13.43
C PHE E 74 19.54 24.67 13.59
N MET E 75 19.82 23.68 12.73
CA MET E 75 21.12 23.03 12.78
C MET E 75 22.23 24.07 12.72
N ALA E 76 22.16 24.97 11.74
CA ALA E 76 23.13 26.07 11.68
C ALA E 76 23.14 26.84 12.98
N LEU E 77 21.96 27.19 13.50
CA LEU E 77 21.90 27.91 14.76
C LEU E 77 22.65 27.17 15.85
N PHE E 78 22.60 25.84 15.84
CA PHE E 78 23.31 25.07 16.87
C PHE E 78 24.82 25.22 16.72
N VAL E 79 25.32 25.20 15.49
CA VAL E 79 26.77 25.09 15.28
C VAL E 79 27.41 26.46 15.08
N PHE E 80 26.76 27.36 14.34
CA PHE E 80 27.37 28.64 14.00
C PHE E 80 27.15 29.71 15.06
N ALA E 81 25.96 29.74 15.67
CA ALA E 81 25.66 30.64 16.79
C ALA E 81 25.08 29.78 17.90
N THR E 82 25.95 29.15 18.68
CA THR E 82 25.52 28.16 19.65
C THR E 82 24.78 28.83 20.79
N PRO E 83 23.51 28.49 21.04
CA PRO E 83 22.82 29.07 22.20
C PRO E 83 23.52 28.71 23.50
N GLY E 84 23.58 29.67 24.41
CA GLY E 84 24.23 29.44 25.68
C GLY E 84 25.68 29.04 25.55
N LEU E 85 26.39 29.63 24.59
CA LEU E 85 27.79 29.28 24.38
C LEU E 85 28.67 29.80 25.51
N GLN E 86 28.31 30.94 26.09
CA GLN E 86 29.09 31.56 27.15
C GLN E 86 30.59 31.53 26.85
N ASP F 2 38.48 22.62 35.75
CA ASP F 2 37.31 23.09 36.49
C ASP F 2 36.10 23.17 35.57
N LEU F 3 35.38 22.06 35.46
CA LEU F 3 34.23 21.99 34.57
C LEU F 3 33.08 22.81 35.13
N ASP F 4 32.49 23.66 34.28
CA ASP F 4 31.38 24.49 34.69
C ASP F 4 30.08 23.69 34.66
N PRO F 5 29.30 23.69 35.74
CA PRO F 5 28.01 22.98 35.68
C PRO F 5 27.13 23.46 34.54
N ASN F 6 27.14 24.77 34.28
CA ASN F 6 26.34 25.30 33.18
C ASN F 6 26.79 24.70 31.85
N ALA F 7 28.08 24.44 31.68
CA ALA F 7 28.55 23.85 30.42
C ALA F 7 27.97 22.46 30.21
N ILE F 8 28.02 21.62 31.25
CA ILE F 8 27.47 20.27 31.14
C ILE F 8 25.97 20.33 30.87
N ILE F 9 25.26 21.19 31.61
CA ILE F 9 23.82 21.28 31.43
C ILE F 9 23.49 21.78 30.03
N THR F 10 24.27 22.72 29.51
CA THR F 10 24.02 23.26 28.18
C THR F 10 24.30 22.21 27.10
N ALA F 11 25.36 21.42 27.26
CA ALA F 11 25.62 20.35 26.31
C ALA F 11 24.48 19.34 26.31
N GLY F 12 24.02 18.96 27.51
CA GLY F 12 22.89 18.05 27.58
C GLY F 12 21.65 18.63 26.94
N ALA F 13 21.40 19.93 27.17
CA ALA F 13 20.23 20.58 26.59
C ALA F 13 20.32 20.61 25.07
N LEU F 14 21.51 20.91 24.54
CA LEU F 14 21.68 20.92 23.09
C LEU F 14 21.45 19.53 22.49
N ILE F 15 21.98 18.50 23.14
CA ILE F 15 21.75 17.14 22.64
C ILE F 15 20.27 16.79 22.71
N GLY F 16 19.60 17.17 23.79
CA GLY F 16 18.18 16.88 23.90
C GLY F 16 17.35 17.60 22.86
N GLY F 17 17.66 18.87 22.61
CA GLY F 17 16.95 19.59 21.57
C GLY F 17 17.22 19.02 20.20
N GLY F 18 18.46 18.57 19.95
CA GLY F 18 18.75 17.88 18.71
C GLY F 18 17.94 16.62 18.56
N LEU F 19 17.80 15.84 19.63
CA LEU F 19 16.95 14.66 19.58
C LEU F 19 15.51 15.04 19.29
N ILE F 20 15.02 16.09 19.94
CA ILE F 20 13.63 16.50 19.76
C ILE F 20 13.37 16.86 18.30
N MET F 21 14.27 17.65 17.72
CA MET F 21 14.09 18.04 16.32
C MET F 21 14.30 16.88 15.36
N GLY F 22 15.23 15.97 15.66
CA GLY F 22 15.36 14.81 14.81
C GLY F 22 14.09 13.99 14.77
N GLY F 23 13.52 13.71 15.95
CA GLY F 23 12.27 12.97 15.99
C GLY F 23 11.12 13.71 15.34
N GLY F 24 10.99 15.00 15.63
CA GLY F 24 9.92 15.78 15.03
C GLY F 24 10.02 15.85 13.52
N ALA F 25 11.23 16.05 13.00
CA ALA F 25 11.41 16.12 11.56
C ALA F 25 11.12 14.77 10.91
N ILE F 26 11.57 13.67 11.51
CA ILE F 26 11.26 12.35 10.97
C ILE F 26 9.75 12.16 10.91
N GLY F 27 9.07 12.41 12.03
CA GLY F 27 7.63 12.22 12.07
C GLY F 27 6.91 13.10 11.06
N ALA F 28 7.26 14.38 11.01
CA ALA F 28 6.59 15.30 10.12
C ALA F 28 6.82 14.92 8.67
N GLY F 29 8.07 14.64 8.30
CA GLY F 29 8.36 14.29 6.93
C GLY F 29 7.63 13.03 6.49
N ILE F 30 7.70 11.98 7.30
CA ILE F 30 7.10 10.71 6.87
C ILE F 30 5.58 10.81 6.87
N GLY F 31 4.98 11.47 7.87
CA GLY F 31 3.55 11.64 7.89
C GLY F 31 3.04 12.48 6.72
N ASP F 32 3.74 13.57 6.41
CA ASP F 32 3.37 14.37 5.26
C ASP F 32 3.50 13.57 3.99
N GLY F 33 4.57 12.79 3.85
CA GLY F 33 4.73 11.96 2.67
C GLY F 33 3.60 10.97 2.51
N ILE F 34 3.19 10.34 3.61
CA ILE F 34 2.13 9.33 3.53
C ILE F 34 0.80 9.98 3.19
N ALA F 35 0.46 11.08 3.88
CA ALA F 35 -0.79 11.77 3.59
C ALA F 35 -0.81 12.28 2.16
N GLY F 36 0.30 12.83 1.68
CA GLY F 36 0.37 13.30 0.31
C GLY F 36 0.30 12.17 -0.69
N ASN F 37 0.85 11.00 -0.35
CA ASN F 37 0.69 9.83 -1.21
C ASN F 37 -0.78 9.47 -1.36
N ALA F 38 -1.51 9.49 -0.24
CA ALA F 38 -2.95 9.23 -0.30
C ALA F 38 -3.64 10.28 -1.16
N LEU F 39 -3.29 11.55 -0.97
CA LEU F 39 -3.94 12.62 -1.74
C LEU F 39 -3.65 12.48 -3.23
N ILE F 40 -2.40 12.19 -3.58
CA ILE F 40 -2.02 12.07 -4.98
C ILE F 40 -2.73 10.88 -5.62
N SER F 41 -2.75 9.74 -4.92
CA SER F 41 -3.45 8.58 -5.47
C SER F 41 -4.93 8.87 -5.66
N GLY F 42 -5.56 9.51 -4.68
CA GLY F 42 -6.97 9.84 -4.81
C GLY F 42 -7.24 10.77 -5.97
N ILE F 43 -6.42 11.81 -6.13
CA ILE F 43 -6.62 12.75 -7.22
C ILE F 43 -6.38 12.07 -8.56
N ALA F 44 -5.42 11.15 -8.62
CA ALA F 44 -5.19 10.41 -9.86
C ALA F 44 -6.37 9.51 -10.17
N ARG F 45 -7.02 8.97 -9.15
CA ARG F 45 -8.18 8.11 -9.39
C ARG F 45 -9.32 8.88 -10.03
N GLN F 46 -9.60 10.09 -9.54
CA GLN F 46 -10.63 10.93 -10.15
C GLN F 46 -10.36 12.40 -9.80
N PRO F 47 -10.20 13.28 -10.79
CA PRO F 47 -9.87 14.67 -10.48
C PRO F 47 -10.92 15.38 -9.62
N GLU F 48 -12.21 15.11 -9.83
CA GLU F 48 -13.24 15.90 -9.17
C GLU F 48 -13.13 15.80 -7.65
N ALA F 49 -12.64 14.68 -7.13
CA ALA F 49 -12.49 14.54 -5.69
C ALA F 49 -11.50 15.54 -5.12
N GLN F 50 -10.59 16.05 -5.95
CA GLN F 50 -9.54 16.96 -5.49
C GLN F 50 -10.08 17.98 -4.50
N GLY F 51 -11.07 18.77 -4.91
CA GLY F 51 -11.56 19.85 -4.07
C GLY F 51 -11.98 19.36 -2.69
N ARG F 52 -12.69 18.23 -2.63
CA ARG F 52 -13.11 17.70 -1.35
C ARG F 52 -11.95 17.02 -0.62
N LEU F 53 -11.03 16.38 -1.36
CA LEU F 53 -10.00 15.59 -0.71
C LEU F 53 -9.06 16.44 0.14
N PHE F 54 -8.98 17.74 -0.12
CA PHE F 54 -8.14 18.59 0.70
C PHE F 54 -8.69 18.76 2.11
N THR F 55 -9.95 18.40 2.35
CA THR F 55 -10.48 18.51 3.72
C THR F 55 -9.82 17.49 4.63
N PRO F 56 -9.96 16.17 4.42
CA PRO F 56 -9.24 15.23 5.28
C PRO F 56 -7.74 15.42 5.25
N PHE F 57 -7.18 15.69 4.06
CA PHE F 57 -5.73 15.83 3.97
C PHE F 57 -5.22 16.91 4.91
N PHE F 58 -5.80 18.11 4.83
CA PHE F 58 -5.37 19.19 5.70
C PHE F 58 -5.63 18.87 7.16
N ILE F 59 -6.58 17.99 7.46
CA ILE F 59 -6.73 17.51 8.83
C ILE F 59 -5.50 16.71 9.22
N THR F 60 -5.13 15.72 8.40
CA THR F 60 -3.99 14.87 8.72
C THR F 60 -2.73 15.70 8.90
N VAL F 61 -2.44 16.57 7.92
CA VAL F 61 -1.28 17.45 8.04
C VAL F 61 -1.38 18.24 9.34
N GLY F 62 -2.57 18.76 9.65
CA GLY F 62 -2.74 19.51 10.88
C GLY F 62 -2.37 18.68 12.10
N LEU F 63 -2.75 17.40 12.10
CA LEU F 63 -2.36 16.54 13.20
C LEU F 63 -0.86 16.29 13.20
N VAL F 64 -0.27 16.14 12.01
CA VAL F 64 1.16 15.85 11.94
C VAL F 64 1.97 17.09 12.27
N GLU F 65 1.70 18.19 11.56
CA GLU F 65 2.47 19.42 11.77
C GLU F 65 2.44 19.84 13.23
N ALA F 66 1.28 19.71 13.88
CA ALA F 66 1.21 20.05 15.30
C ALA F 66 2.28 19.30 16.08
N ALA F 67 2.32 17.98 15.92
CA ALA F 67 3.32 17.18 16.63
C ALA F 67 4.72 17.71 16.37
N TYR F 68 4.96 18.20 15.16
CA TYR F 68 6.24 18.82 14.86
C TYR F 68 6.41 20.12 15.65
N PHE F 69 5.49 21.07 15.46
CA PHE F 69 5.73 22.41 15.96
C PHE F 69 5.74 22.43 17.49
N ILE F 70 4.89 21.63 18.13
CA ILE F 70 4.95 21.52 19.57
C ILE F 70 6.37 21.13 19.99
N ASN F 71 6.92 20.09 19.36
CA ASN F 71 8.30 19.72 19.62
C ASN F 71 9.21 20.92 19.44
N LEU F 72 9.06 21.63 18.33
CA LEU F 72 9.89 22.81 18.09
C LEU F 72 9.83 23.74 19.30
N ALA F 73 8.62 24.06 19.75
CA ALA F 73 8.47 24.94 20.91
C ALA F 73 9.31 24.42 22.07
N PHE F 74 9.15 23.13 22.40
CA PHE F 74 9.87 22.60 23.54
C PHE F 74 11.37 22.63 23.31
N MET F 75 11.81 22.41 22.08
CA MET F 75 13.24 22.51 21.80
C MET F 75 13.75 23.89 22.14
N ALA F 76 12.97 24.93 21.84
CA ALA F 76 13.35 26.27 22.26
C ALA F 76 13.57 26.30 23.77
N LEU F 77 12.59 25.76 24.52
CA LEU F 77 12.75 25.70 25.97
C LEU F 77 14.04 25.01 26.36
N PHE F 78 14.47 24.01 25.59
CA PHE F 78 15.70 23.31 25.92
C PHE F 78 16.92 24.18 25.68
N VAL F 79 16.93 24.93 24.57
CA VAL F 79 18.15 25.61 24.14
C VAL F 79 18.21 27.04 24.66
N PHE F 80 17.08 27.74 24.68
CA PHE F 80 17.08 29.17 25.00
C PHE F 80 16.88 29.42 26.49
N ALA F 81 15.91 28.75 27.10
CA ALA F 81 15.66 28.85 28.54
C ALA F 81 15.74 27.44 29.12
N THR F 82 16.96 26.99 29.40
CA THR F 82 17.18 25.61 29.78
C THR F 82 16.65 25.34 31.19
N PRO F 83 15.70 24.44 31.36
CA PRO F 83 15.23 24.12 32.72
C PRO F 83 16.35 23.55 33.57
N GLY F 84 16.35 23.93 34.84
CA GLY F 84 17.38 23.45 35.76
C GLY F 84 18.78 23.86 35.37
N LEU F 85 18.95 25.05 34.81
CA LEU F 85 20.25 25.50 34.35
C LEU F 85 21.17 25.92 35.48
N GLN F 86 20.66 26.04 36.71
CA GLN F 86 21.46 26.52 37.83
C GLN F 86 21.93 27.95 37.57
N ASP G 2 35.61 17.05 40.54
CA ASP G 2 34.65 17.46 41.55
C ASP G 2 33.44 18.12 40.91
N LEU G 3 32.79 17.40 40.00
CA LEU G 3 31.63 17.93 39.31
C LEU G 3 30.45 18.08 40.26
N ASP G 4 29.56 19.00 39.92
CA ASP G 4 28.31 19.15 40.64
C ASP G 4 27.38 18.01 40.26
N PRO G 5 26.91 17.18 41.20
CA PRO G 5 26.03 16.08 40.80
C PRO G 5 24.78 16.57 40.09
N ASN G 6 24.20 17.69 40.53
CA ASN G 6 23.02 18.21 39.88
C ASN G 6 23.26 18.47 38.40
N ALA G 7 24.48 18.88 38.03
CA ALA G 7 24.78 19.12 36.63
C ALA G 7 24.63 17.83 35.81
N ILE G 8 25.22 16.73 36.29
CA ILE G 8 25.13 15.47 35.57
C ILE G 8 23.69 14.99 35.53
N ILE G 9 22.97 15.13 36.65
CA ILE G 9 21.56 14.72 36.68
C ILE G 9 20.76 15.50 35.66
N THR G 10 20.96 16.82 35.60
CA THR G 10 20.20 17.64 34.68
C THR G 10 20.55 17.32 33.23
N ALA G 11 21.83 17.07 32.94
CA ALA G 11 22.21 16.69 31.58
C ALA G 11 21.54 15.39 31.17
N GLY G 12 21.61 14.38 32.05
CA GLY G 12 20.95 13.12 31.76
C GLY G 12 19.46 13.28 31.59
N ALA G 13 18.83 14.11 32.44
CA ALA G 13 17.40 14.32 32.36
C ALA G 13 17.02 15.01 31.06
N LEU G 14 17.81 16.01 30.63
CA LEU G 14 17.53 16.69 29.38
C LEU G 14 17.67 15.73 28.20
N ILE G 15 18.71 14.90 28.20
CA ILE G 15 18.86 13.93 27.12
C ILE G 15 17.71 12.94 27.12
N GLY G 16 17.30 12.47 28.29
CA GLY G 16 16.20 11.53 28.37
C GLY G 16 14.88 12.14 27.91
N GLY G 17 14.61 13.39 28.31
CA GLY G 17 13.41 14.05 27.84
C GLY G 17 13.44 14.29 26.35
N GLY G 18 14.61 14.61 25.81
CA GLY G 18 14.74 14.73 24.37
C GLY G 18 14.42 13.43 23.67
N LEU G 19 14.92 12.31 24.20
CA LEU G 19 14.58 11.01 23.63
C LEU G 19 13.07 10.76 23.73
N ILE G 20 12.48 11.08 24.87
CA ILE G 20 11.05 10.87 25.06
C ILE G 20 10.26 11.61 24.00
N MET G 21 10.55 12.90 23.83
CA MET G 21 9.79 13.71 22.90
C MET G 21 10.09 13.36 21.46
N GLY G 22 11.34 12.98 21.15
CA GLY G 22 11.64 12.54 19.79
C GLY G 22 10.89 11.30 19.41
N GLY G 23 10.89 10.29 20.30
CA GLY G 23 10.12 9.10 20.02
C GLY G 23 8.63 9.37 19.93
N GLY G 24 8.10 10.19 20.83
CA GLY G 24 6.70 10.55 20.76
C GLY G 24 6.35 11.24 19.47
N ALA G 25 7.19 12.17 19.02
CA ALA G 25 6.95 12.89 17.79
C ALA G 25 6.98 11.95 16.59
N ILE G 26 7.98 11.05 16.55
CA ILE G 26 8.05 10.12 15.44
C ILE G 26 6.79 9.27 15.38
N GLY G 27 6.42 8.67 16.52
CA GLY G 27 5.25 7.82 16.55
C GLY G 27 3.99 8.57 16.17
N ALA G 28 3.79 9.75 16.76
CA ALA G 28 2.59 10.53 16.48
C ALA G 28 2.51 10.92 15.02
N GLY G 29 3.60 11.45 14.47
CA GLY G 29 3.58 11.88 13.09
C GLY G 29 3.30 10.72 12.14
N ILE G 30 4.00 9.60 12.32
CA ILE G 30 3.84 8.51 11.36
C ILE G 30 2.47 7.85 11.52
N GLY G 31 1.99 7.68 12.76
CA GLY G 31 0.68 7.10 12.94
C GLY G 31 -0.43 7.99 12.41
N ASP G 32 -0.34 9.30 12.65
CA ASP G 32 -1.32 10.23 12.10
C ASP G 32 -1.28 10.21 10.58
N GLY G 33 -0.08 10.16 10.00
CA GLY G 33 0.01 10.07 8.56
C GLY G 33 -0.65 8.83 8.00
N ILE G 34 -0.42 7.68 8.64
CA ILE G 34 -1.01 6.43 8.17
C ILE G 34 -2.53 6.47 8.29
N ALA G 35 -3.03 6.90 9.44
CA ALA G 35 -4.47 6.99 9.63
C ALA G 35 -5.10 7.96 8.64
N GLY G 36 -4.47 9.11 8.42
CA GLY G 36 -4.95 10.05 7.44
C GLY G 36 -4.90 9.52 6.03
N ASN G 37 -3.91 8.70 5.72
CA ASN G 37 -3.88 8.03 4.42
C ASN G 37 -5.11 7.15 4.26
N ALA G 38 -5.41 6.36 5.27
CA ALA G 38 -6.62 5.53 5.22
C ALA G 38 -7.86 6.39 5.01
N LEU G 39 -8.00 7.45 5.80
CA LEU G 39 -9.17 8.31 5.72
C LEU G 39 -9.28 8.98 4.34
N ILE G 40 -8.16 9.49 3.83
CA ILE G 40 -8.18 10.19 2.55
C ILE G 40 -8.55 9.24 1.43
N SER G 41 -7.98 8.04 1.42
CA SER G 41 -8.33 7.07 0.39
C SER G 41 -9.80 6.69 0.48
N GLY G 42 -10.30 6.46 1.70
CA GLY G 42 -11.69 6.08 1.86
C GLY G 42 -12.64 7.17 1.38
N ILE G 43 -12.35 8.43 1.71
CA ILE G 43 -13.18 9.53 1.25
C ILE G 43 -13.04 9.70 -0.26
N ALA G 44 -11.87 9.40 -0.81
CA ALA G 44 -11.68 9.52 -2.26
C ALA G 44 -12.57 8.53 -2.99
N ARG G 45 -12.58 7.26 -2.56
CA ARG G 45 -13.37 6.27 -3.27
C ARG G 45 -14.86 6.42 -2.97
N GLN G 46 -15.22 6.67 -1.72
CA GLN G 46 -16.60 6.71 -1.27
C GLN G 46 -16.88 8.05 -0.61
N PRO G 47 -17.26 9.08 -1.38
CA PRO G 47 -17.56 10.38 -0.75
C PRO G 47 -18.61 10.30 0.32
N GLU G 48 -19.62 9.45 0.15
CA GLU G 48 -20.66 9.30 1.16
C GLU G 48 -20.12 8.75 2.47
N ALA G 49 -18.91 8.19 2.46
CA ALA G 49 -18.30 7.69 3.68
C ALA G 49 -17.79 8.80 4.59
N GLN G 50 -17.87 10.06 4.15
CA GLN G 50 -17.35 11.18 4.92
C GLN G 50 -17.69 11.09 6.40
N GLY G 51 -18.99 11.04 6.73
CA GLY G 51 -19.38 10.98 8.12
C GLY G 51 -18.99 9.67 8.78
N ARG G 52 -19.06 8.57 8.03
CA ARG G 52 -18.82 7.25 8.61
C ARG G 52 -17.36 7.09 9.06
N LEU G 53 -16.42 7.60 8.26
CA LEU G 53 -15.01 7.31 8.49
C LEU G 53 -14.42 8.12 9.65
N PHE G 54 -15.04 9.22 10.03
CA PHE G 54 -14.45 10.07 11.07
C PHE G 54 -14.38 9.35 12.42
N THR G 55 -15.43 8.62 12.78
CA THR G 55 -15.44 7.98 14.10
C THR G 55 -14.29 7.00 14.27
N PRO G 56 -14.05 6.06 13.35
CA PRO G 56 -12.83 5.23 13.48
C PRO G 56 -11.56 6.06 13.47
N PHE G 57 -11.46 7.03 12.55
CA PHE G 57 -10.29 7.88 12.48
C PHE G 57 -10.02 8.53 13.83
N PHE G 58 -11.04 9.18 14.40
CA PHE G 58 -10.85 9.82 15.70
C PHE G 58 -10.44 8.82 16.76
N ILE G 59 -10.90 7.57 16.66
CA ILE G 59 -10.39 6.55 17.57
C ILE G 59 -8.91 6.32 17.33
N THR G 60 -8.54 6.10 16.07
CA THR G 60 -7.14 5.84 15.75
C THR G 60 -6.26 6.98 16.26
N VAL G 61 -6.49 8.19 15.75
CA VAL G 61 -5.75 9.35 16.24
C VAL G 61 -5.84 9.42 17.74
N GLY G 62 -7.02 9.14 18.29
CA GLY G 62 -7.18 9.21 19.74
C GLY G 62 -6.17 8.36 20.47
N LEU G 63 -5.92 7.15 19.98
CA LEU G 63 -4.86 6.33 20.55
C LEU G 63 -3.50 6.98 20.30
N VAL G 64 -3.22 7.31 19.04
CA VAL G 64 -1.89 7.79 18.67
C VAL G 64 -1.51 8.98 19.55
N GLU G 65 -2.28 10.06 19.45
CA GLU G 65 -2.00 11.25 20.24
C GLU G 65 -1.81 10.89 21.70
N ALA G 66 -2.66 9.99 22.22
CA ALA G 66 -2.55 9.60 23.62
C ALA G 66 -1.10 9.32 23.97
N ALA G 67 -0.49 8.35 23.27
CA ALA G 67 0.88 8.00 23.58
C ALA G 67 1.76 9.24 23.56
N TYR G 68 1.70 9.99 22.46
CA TYR G 68 2.46 11.23 22.37
C TYR G 68 2.31 12.04 23.65
N PHE G 69 1.07 12.40 23.99
CA PHE G 69 0.88 13.28 25.13
C PHE G 69 1.37 12.63 26.41
N ILE G 70 1.14 11.32 26.57
CA ILE G 70 1.66 10.65 27.74
C ILE G 70 3.17 10.84 27.81
N ASN G 71 3.86 10.56 26.70
CA ASN G 71 5.29 10.82 26.66
C ASN G 71 5.58 12.26 27.06
N LEU G 72 4.86 13.20 26.44
CA LEU G 72 5.05 14.61 26.78
C LEU G 72 4.98 14.80 28.29
N ALA G 73 3.94 14.26 28.92
CA ALA G 73 3.80 14.41 30.36
C ALA G 73 5.07 13.94 31.05
N PHE G 74 5.52 12.73 30.74
CA PHE G 74 6.70 12.20 31.41
C PHE G 74 7.92 13.05 31.12
N MET G 75 8.01 13.62 29.92
CA MET G 75 9.13 14.50 29.62
C MET G 75 9.19 15.63 30.66
N ALA G 76 8.04 16.22 30.96
CA ALA G 76 8.00 17.25 31.99
C ALA G 76 8.59 16.73 33.28
N LEU G 77 8.15 15.54 33.71
CA LEU G 77 8.69 14.95 34.91
C LEU G 77 10.21 14.84 34.83
N PHE G 78 10.73 14.45 33.66
CA PHE G 78 12.17 14.35 33.52
C PHE G 78 12.83 15.71 33.64
N VAL G 79 12.23 16.74 33.05
CA VAL G 79 12.92 18.01 32.87
C VAL G 79 12.75 18.94 34.06
N PHE G 80 11.53 19.06 34.58
CA PHE G 80 11.27 19.98 35.69
C PHE G 80 11.38 19.28 37.04
N ALA G 81 10.57 18.25 37.26
CA ALA G 81 10.61 17.49 38.51
C ALA G 81 11.46 16.24 38.33
N THR G 82 12.75 16.45 38.09
CA THR G 82 13.65 15.35 37.75
C THR G 82 13.72 14.35 38.90
N PRO G 83 13.36 13.09 38.68
CA PRO G 83 13.54 12.09 39.73
C PRO G 83 15.01 11.90 40.07
N GLY G 84 15.28 11.65 41.36
CA GLY G 84 16.63 11.41 41.79
C GLY G 84 17.52 12.62 41.82
N LEU G 85 16.96 13.82 41.64
CA LEU G 85 17.77 15.03 41.64
C LEU G 85 18.39 15.26 43.01
N GLN G 86 19.64 15.70 43.02
CA GLN G 86 20.35 15.96 44.26
C GLN G 86 21.68 16.65 43.99
N ASP H 2 36.07 14.61 42.09
CA ASP H 2 35.41 13.32 42.30
C ASP H 2 33.91 13.41 42.04
N LEU H 3 33.48 12.81 40.93
CA LEU H 3 32.06 12.78 40.60
C LEU H 3 31.32 11.86 41.58
N ASP H 4 30.09 12.25 41.90
CA ASP H 4 29.27 11.44 42.80
C ASP H 4 28.78 10.20 42.06
N PRO H 5 29.05 8.99 42.54
CA PRO H 5 28.63 7.80 41.79
C PRO H 5 27.12 7.74 41.59
N ASN H 6 26.34 8.15 42.59
CA ASN H 6 24.89 8.15 42.44
C ASN H 6 24.47 9.09 41.32
N ALA H 7 25.20 10.19 41.12
CA ALA H 7 24.86 11.09 40.02
C ALA H 7 25.02 10.38 38.68
N ILE H 8 26.12 9.65 38.50
CA ILE H 8 26.34 8.92 37.26
C ILE H 8 25.26 7.86 37.07
N ILE H 9 24.94 7.12 38.14
CA ILE H 9 23.93 6.07 38.02
C ILE H 9 22.58 6.67 37.66
N THR H 10 22.22 7.79 38.28
CA THR H 10 20.93 8.41 37.99
C THR H 10 20.88 8.96 36.58
N ALA H 11 21.99 9.53 36.09
CA ALA H 11 22.02 10.00 34.71
C ALA H 11 21.85 8.84 33.73
N GLY H 12 22.53 7.73 33.99
CA GLY H 12 22.36 6.56 33.15
C GLY H 12 20.93 6.04 33.19
N ALA H 13 20.33 6.02 34.37
CA ALA H 13 18.95 5.55 34.49
C ALA H 13 18.00 6.48 33.76
N LEU H 14 18.24 7.78 33.82
CA LEU H 14 17.39 8.73 33.11
C LEU H 14 17.49 8.53 31.60
N ILE H 15 18.71 8.33 31.10
CA ILE H 15 18.87 8.09 29.67
C ILE H 15 18.20 6.77 29.27
N GLY H 16 18.32 5.75 30.13
CA GLY H 16 17.65 4.49 29.83
C GLY H 16 16.14 4.62 29.80
N GLY H 17 15.57 5.36 30.75
CA GLY H 17 14.15 5.60 30.73
C GLY H 17 13.71 6.40 29.52
N GLY H 18 14.52 7.39 29.13
CA GLY H 18 14.22 8.11 27.91
C GLY H 18 14.21 7.21 26.70
N LEU H 19 15.17 6.29 26.62
CA LEU H 19 15.17 5.33 25.52
C LEU H 19 13.94 4.43 25.55
N ILE H 20 13.58 3.97 26.74
CA ILE H 20 12.42 3.09 26.87
C ILE H 20 11.17 3.80 26.36
N MET H 21 10.97 5.04 26.81
CA MET H 21 9.81 5.82 26.36
C MET H 21 9.87 6.12 24.88
N GLY H 22 11.04 6.46 24.36
CA GLY H 22 11.13 6.74 22.93
C GLY H 22 10.72 5.53 22.10
N GLY H 23 11.27 4.36 22.43
CA GLY H 23 10.90 3.17 21.71
C GLY H 23 9.44 2.81 21.88
N GLY H 24 8.92 2.90 23.11
CA GLY H 24 7.52 2.59 23.34
C GLY H 24 6.60 3.52 22.58
N ALA H 25 6.92 4.81 22.57
CA ALA H 25 6.09 5.77 21.84
C ALA H 25 6.14 5.51 20.34
N ILE H 26 7.33 5.27 19.79
CA ILE H 26 7.41 4.97 18.37
C ILE H 26 6.57 3.75 18.03
N GLY H 27 6.76 2.67 18.79
CA GLY H 27 6.03 1.44 18.50
C GLY H 27 4.54 1.60 18.65
N ALA H 28 4.10 2.21 19.75
CA ALA H 28 2.67 2.38 19.98
C ALA H 28 2.04 3.25 18.92
N GLY H 29 2.65 4.40 18.64
CA GLY H 29 2.08 5.29 17.65
C GLY H 29 1.97 4.65 16.28
N ILE H 30 3.05 4.01 15.81
CA ILE H 30 3.02 3.46 14.46
C ILE H 30 2.10 2.25 14.40
N GLY H 31 2.14 1.38 15.41
CA GLY H 31 1.24 0.23 15.40
C GLY H 31 -0.22 0.62 15.46
N ASP H 32 -0.55 1.60 16.31
CA ASP H 32 -1.93 2.09 16.36
C ASP H 32 -2.32 2.72 15.04
N GLY H 33 -1.41 3.48 14.42
CA GLY H 33 -1.72 4.05 13.12
C GLY H 33 -2.01 2.99 12.07
N ILE H 34 -1.22 1.93 12.06
CA ILE H 34 -1.42 0.88 11.05
C ILE H 34 -2.72 0.12 11.32
N ALA H 35 -2.99 -0.23 12.58
CA ALA H 35 -4.22 -0.92 12.90
C ALA H 35 -5.43 -0.05 12.57
N GLY H 36 -5.38 1.23 12.91
CA GLY H 36 -6.47 2.13 12.59
C GLY H 36 -6.63 2.34 11.10
N ASN H 37 -5.53 2.33 10.36
CA ASN H 37 -5.62 2.36 8.90
C ASN H 37 -6.40 1.16 8.40
N ALA H 38 -6.10 -0.03 8.94
CA ALA H 38 -6.85 -1.22 8.55
C ALA H 38 -8.32 -1.06 8.89
N LEU H 39 -8.62 -0.57 10.09
CA LEU H 39 -10.01 -0.43 10.53
C LEU H 39 -10.76 0.55 9.63
N ILE H 40 -10.14 1.69 9.32
CA ILE H 40 -10.79 2.69 8.49
C ILE H 40 -11.02 2.14 7.09
N SER H 41 -10.02 1.46 6.52
CA SER H 41 -10.20 0.89 5.19
C SER H 41 -11.31 -0.14 5.19
N GLY H 42 -11.37 -1.00 6.21
CA GLY H 42 -12.43 -1.99 6.26
C GLY H 42 -13.80 -1.36 6.36
N ILE H 43 -13.94 -0.35 7.22
CA ILE H 43 -15.21 0.35 7.36
C ILE H 43 -15.57 1.08 6.08
N ALA H 44 -14.56 1.44 5.28
CA ALA H 44 -14.84 2.09 4.00
C ALA H 44 -15.36 1.08 2.98
N ARG H 45 -14.59 0.02 2.73
CA ARG H 45 -15.01 -0.95 1.72
C ARG H 45 -16.33 -1.60 2.09
N GLN H 46 -16.48 -1.99 3.36
CA GLN H 46 -17.65 -2.71 3.86
C GLN H 46 -18.23 -1.94 5.03
N PRO H 47 -19.13 -0.98 4.78
CA PRO H 47 -19.71 -0.22 5.91
C PRO H 47 -20.43 -1.09 6.91
N GLU H 48 -20.98 -2.23 6.49
CA GLU H 48 -21.71 -3.10 7.40
C GLU H 48 -20.81 -3.69 8.48
N ALA H 49 -19.49 -3.63 8.30
CA ALA H 49 -18.54 -4.26 9.21
C ALA H 49 -18.15 -3.35 10.37
N GLN H 50 -18.80 -2.20 10.52
CA GLN H 50 -18.37 -1.22 11.52
C GLN H 50 -18.24 -1.84 12.90
N GLY H 51 -19.18 -2.71 13.28
CA GLY H 51 -19.16 -3.31 14.60
C GLY H 51 -18.41 -4.62 14.64
N ARG H 52 -18.16 -5.22 13.47
CA ARG H 52 -17.54 -6.53 13.41
C ARG H 52 -16.02 -6.46 13.36
N LEU H 53 -15.45 -5.31 13.01
CA LEU H 53 -14.00 -5.16 12.95
C LEU H 53 -13.40 -4.68 14.27
N PHE H 54 -14.22 -4.33 15.25
CA PHE H 54 -13.69 -3.85 16.52
C PHE H 54 -13.20 -4.97 17.42
N THR H 55 -13.57 -6.22 17.13
CA THR H 55 -12.99 -7.34 17.90
C THR H 55 -11.53 -7.56 17.51
N PRO H 56 -11.19 -7.81 16.24
CA PRO H 56 -9.76 -7.89 15.90
C PRO H 56 -9.01 -6.62 16.21
N PHE H 57 -9.62 -5.46 15.96
CA PHE H 57 -8.94 -4.20 16.21
C PHE H 57 -8.51 -4.10 17.67
N PHE H 58 -9.46 -4.28 18.59
CA PHE H 58 -9.13 -4.20 20.01
C PHE H 58 -8.10 -5.24 20.40
N ILE H 59 -7.99 -6.34 19.63
CA ILE H 59 -6.91 -7.28 19.87
C ILE H 59 -5.58 -6.66 19.46
N THR H 60 -5.50 -6.20 18.20
CA THR H 60 -4.28 -5.57 17.72
C THR H 60 -3.82 -4.47 18.68
N VAL H 61 -4.67 -3.47 18.87
CA VAL H 61 -4.34 -2.38 19.80
C VAL H 61 -3.98 -2.97 21.15
N GLY H 62 -4.75 -3.95 21.61
CA GLY H 62 -4.47 -4.54 22.91
C GLY H 62 -3.05 -5.03 23.01
N LEU H 63 -2.55 -5.68 21.96
CA LEU H 63 -1.15 -6.08 21.96
C LEU H 63 -0.24 -4.86 21.92
N VAL H 64 -0.48 -3.95 20.97
CA VAL H 64 0.41 -2.80 20.80
C VAL H 64 0.56 -2.07 22.12
N GLU H 65 -0.55 -1.53 22.63
CA GLU H 65 -0.51 -0.80 23.89
C GLU H 65 0.20 -1.61 24.97
N ALA H 66 -0.06 -2.92 25.02
CA ALA H 66 0.60 -3.75 26.01
C ALA H 66 2.08 -3.41 26.10
N ALA H 67 2.79 -3.58 24.98
CA ALA H 67 4.23 -3.31 25.00
C ALA H 67 4.50 -1.93 25.55
N TYR H 68 3.84 -0.92 24.98
CA TYR H 68 4.00 0.45 25.47
C TYR H 68 3.91 0.47 26.99
N PHE H 69 2.78 0.03 27.53
CA PHE H 69 2.57 0.16 28.96
C PHE H 69 3.60 -0.66 29.72
N ILE H 70 3.93 -1.86 29.24
CA ILE H 70 4.97 -2.64 29.89
C ILE H 70 6.25 -1.81 29.95
N ASN H 71 6.65 -1.24 28.82
CA ASN H 71 7.81 -0.35 28.82
C ASN H 71 7.65 0.73 29.89
N LEU H 72 6.49 1.39 29.91
CA LEU H 72 6.26 2.41 30.91
C LEU H 72 6.57 1.88 32.30
N ALA H 73 6.02 0.70 32.63
CA ALA H 73 6.27 0.13 33.95
C ALA H 73 7.77 0.07 34.21
N PHE H 74 8.52 -0.51 33.28
CA PHE H 74 9.94 -0.66 33.51
C PHE H 74 10.64 0.68 33.58
N MET H 75 10.17 1.67 32.81
CA MET H 75 10.75 2.99 32.94
C MET H 75 10.50 3.55 34.32
N ALA H 76 9.30 3.31 34.87
CA ALA H 76 9.04 3.71 36.24
C ALA H 76 10.03 3.06 37.20
N LEU H 77 10.45 1.82 36.89
CA LEU H 77 11.49 1.19 37.69
C LEU H 77 12.83 1.88 37.50
N PHE H 78 13.14 2.28 36.26
CA PHE H 78 14.45 2.86 35.99
C PHE H 78 14.65 4.19 36.73
N VAL H 79 13.62 5.04 36.74
CA VAL H 79 13.80 6.41 37.23
C VAL H 79 13.45 6.53 38.71
N PHE H 80 12.38 5.88 39.17
CA PHE H 80 11.93 6.07 40.53
C PHE H 80 12.59 5.11 41.52
N ALA H 81 12.88 3.89 41.10
CA ALA H 81 13.64 2.94 41.92
C ALA H 81 14.77 2.41 41.05
N THR H 82 15.86 3.17 40.97
CA THR H 82 16.93 2.84 40.03
C THR H 82 17.69 1.62 40.52
N PRO H 83 17.70 0.51 39.78
CA PRO H 83 18.52 -0.63 40.18
C PRO H 83 20.00 -0.30 40.09
N GLY H 84 20.77 -0.89 40.99
CA GLY H 84 22.20 -0.68 41.01
C GLY H 84 22.66 0.57 41.73
N LEU H 85 21.75 1.29 42.39
CA LEU H 85 22.15 2.48 43.14
C LEU H 85 23.08 2.10 44.28
N GLN H 86 24.01 3.00 44.58
CA GLN H 86 24.95 2.78 45.67
C GLN H 86 24.22 2.85 47.01
N ASP I 2 37.73 10.39 42.07
CA ASP I 2 37.76 8.97 42.33
C ASP I 2 36.48 8.30 41.85
N LEU I 3 36.36 8.14 40.54
CA LEU I 3 35.16 7.54 39.95
C LEU I 3 35.01 6.10 40.45
N ASP I 4 33.77 5.72 40.73
CA ASP I 4 33.50 4.35 41.15
C ASP I 4 33.34 3.46 39.94
N PRO I 5 34.15 2.40 39.79
CA PRO I 5 33.98 1.52 38.62
C PRO I 5 32.58 0.94 38.52
N ASN I 6 32.00 0.56 39.65
CA ASN I 6 30.65 -0.01 39.63
C ASN I 6 29.62 1.01 39.16
N ALA I 7 29.81 2.28 39.52
CA ALA I 7 28.88 3.31 39.08
C ALA I 7 28.88 3.44 37.56
N ILE I 8 30.06 3.46 36.95
CA ILE I 8 30.15 3.57 35.49
C ILE I 8 29.57 2.31 34.84
N ILE I 9 29.90 1.13 35.38
CA ILE I 9 29.35 -0.10 34.82
C ILE I 9 27.83 -0.07 34.90
N THR I 10 27.28 0.42 36.01
CA THR I 10 25.84 0.44 36.18
C THR I 10 25.19 1.44 35.23
N ALA I 11 25.81 2.60 35.02
CA ALA I 11 25.27 3.55 34.05
C ALA I 11 25.25 2.95 32.65
N GLY I 12 26.34 2.29 32.27
CA GLY I 12 26.36 1.62 30.97
C GLY I 12 25.30 0.54 30.86
N ALA I 13 25.13 -0.25 31.92
CA ALA I 13 24.12 -1.30 31.91
C ALA I 13 22.72 -0.72 31.80
N LEU I 14 22.46 0.38 32.50
CA LEU I 14 21.14 1.01 32.42
C LEU I 14 20.87 1.53 31.02
N ILE I 15 21.87 2.17 30.40
CA ILE I 15 21.69 2.65 29.04
C ILE I 15 21.45 1.49 28.08
N GLY I 16 22.20 0.40 28.25
CA GLY I 16 22.01 -0.76 27.38
C GLY I 16 20.64 -1.39 27.55
N GLY I 17 20.18 -1.51 28.79
CA GLY I 17 18.84 -2.05 29.02
C GLY I 17 17.76 -1.15 28.45
N GLY I 18 17.94 0.16 28.58
CA GLY I 18 17.01 1.08 27.95
C GLY I 18 16.97 0.91 26.45
N LEU I 19 18.15 0.72 25.83
CA LEU I 19 18.19 0.46 24.40
C LEU I 19 17.48 -0.84 24.05
N ILE I 20 17.68 -1.88 24.86
CA ILE I 20 17.04 -3.17 24.59
C ILE I 20 15.52 -3.02 24.64
N MET I 21 15.00 -2.36 25.68
CA MET I 21 13.57 -2.08 25.75
C MET I 21 13.09 -1.23 24.60
N GLY I 22 13.83 -0.19 24.22
CA GLY I 22 13.40 0.64 23.12
C GLY I 22 13.25 -0.15 21.83
N GLY I 23 14.27 -0.94 21.50
CA GLY I 23 14.20 -1.76 20.30
C GLY I 23 13.10 -2.79 20.37
N GLY I 24 12.98 -3.47 21.51
CA GLY I 24 11.94 -4.47 21.66
C GLY I 24 10.55 -3.89 21.52
N ALA I 25 10.32 -2.73 22.14
CA ALA I 25 9.01 -2.09 22.05
C ALA I 25 8.72 -1.64 20.62
N ILE I 26 9.71 -1.05 19.94
CA ILE I 26 9.49 -0.65 18.55
C ILE I 26 9.12 -1.86 17.71
N GLY I 27 9.91 -2.92 17.81
CA GLY I 27 9.64 -4.11 17.00
C GLY I 27 8.30 -4.71 17.33
N ALA I 28 8.00 -4.88 18.61
CA ALA I 28 6.74 -5.50 19.01
C ALA I 28 5.55 -4.68 18.54
N GLY I 29 5.57 -3.38 18.82
CA GLY I 29 4.45 -2.54 18.42
C GLY I 29 4.22 -2.56 16.93
N ILE I 30 5.29 -2.37 16.14
CA ILE I 30 5.09 -2.26 14.70
C ILE I 30 4.72 -3.61 14.10
N GLY I 31 5.36 -4.69 14.54
CA GLY I 31 5.01 -6.01 14.02
C GLY I 31 3.59 -6.41 14.37
N ASP I 32 3.17 -6.15 15.61
CA ASP I 32 1.80 -6.44 16.00
C ASP I 32 0.82 -5.58 15.20
N GLY I 33 1.16 -4.32 14.98
CA GLY I 33 0.31 -3.47 14.16
C GLY I 33 0.15 -4.01 12.76
N ILE I 34 1.24 -4.48 12.15
CA ILE I 34 1.17 -5.01 10.80
C ILE I 34 0.36 -6.29 10.75
N ALA I 35 0.61 -7.20 11.70
CA ALA I 35 -0.14 -8.45 11.74
C ALA I 35 -1.62 -8.19 11.97
N GLY I 36 -1.95 -7.26 12.87
CA GLY I 36 -3.33 -6.89 13.10
C GLY I 36 -3.98 -6.21 11.90
N ASN I 37 -3.20 -5.43 11.15
CA ASN I 37 -3.71 -4.87 9.91
C ASN I 37 -4.11 -5.98 8.96
N ALA I 38 -3.26 -7.00 8.82
CA ALA I 38 -3.61 -8.13 7.97
C ALA I 38 -4.86 -8.84 8.49
N LEU I 39 -4.93 -9.06 9.80
CA LEU I 39 -6.08 -9.77 10.37
C LEU I 39 -7.37 -8.99 10.16
N ILE I 40 -7.34 -7.67 10.39
CA ILE I 40 -8.53 -6.85 10.22
C ILE I 40 -8.96 -6.82 8.77
N SER I 41 -8.00 -6.68 7.85
CA SER I 41 -8.35 -6.68 6.44
C SER I 41 -8.96 -8.02 6.03
N GLY I 42 -8.40 -9.13 6.52
CA GLY I 42 -8.94 -10.42 6.19
C GLY I 42 -10.34 -10.63 6.72
N ILE I 43 -10.59 -10.22 7.97
CA ILE I 43 -11.92 -10.36 8.54
C ILE I 43 -12.92 -9.48 7.78
N ALA I 44 -12.52 -8.25 7.45
CA ALA I 44 -13.41 -7.36 6.71
C ALA I 44 -13.74 -7.93 5.34
N ARG I 45 -12.75 -8.48 4.64
CA ARG I 45 -12.98 -8.99 3.30
C ARG I 45 -13.79 -10.29 3.34
N GLN I 46 -13.50 -11.17 4.29
CA GLN I 46 -14.24 -12.41 4.46
C GLN I 46 -14.71 -12.53 5.91
N PRO I 47 -15.92 -12.09 6.22
CA PRO I 47 -16.41 -12.23 7.61
C PRO I 47 -16.21 -13.60 8.21
N GLU I 48 -16.65 -14.65 7.53
CA GLU I 48 -16.68 -16.00 8.09
C GLU I 48 -15.31 -16.65 8.18
N ALA I 49 -14.23 -15.93 7.90
CA ALA I 49 -12.89 -16.50 8.01
C ALA I 49 -12.27 -16.28 9.38
N GLN I 50 -12.89 -15.45 10.23
CA GLN I 50 -12.26 -15.03 11.47
C GLN I 50 -11.50 -16.16 12.15
N GLY I 51 -12.21 -17.24 12.48
CA GLY I 51 -11.61 -18.38 13.13
C GLY I 51 -10.28 -18.79 12.52
N ARG I 52 -10.31 -19.21 11.25
CA ARG I 52 -9.08 -19.70 10.62
C ARG I 52 -7.99 -18.63 10.67
N LEU I 53 -8.36 -17.37 10.50
CA LEU I 53 -7.36 -16.32 10.43
C LEU I 53 -6.56 -16.21 11.72
N PHE I 54 -7.08 -16.73 12.83
CA PHE I 54 -6.35 -16.63 14.08
C PHE I 54 -5.21 -17.64 14.16
N THR I 55 -5.25 -18.72 13.39
CA THR I 55 -4.14 -19.67 13.41
C THR I 55 -2.85 -19.04 12.91
N PRO I 56 -2.81 -18.39 11.74
CA PRO I 56 -1.56 -17.72 11.34
C PRO I 56 -1.28 -16.47 12.15
N PHE I 57 -2.30 -15.68 12.45
CA PHE I 57 -2.10 -14.46 13.24
C PHE I 57 -1.38 -14.78 14.55
N PHE I 58 -1.90 -15.75 15.29
CA PHE I 58 -1.26 -16.12 16.55
C PHE I 58 0.19 -16.53 16.33
N ILE I 59 0.50 -17.15 15.19
CA ILE I 59 1.89 -17.46 14.89
C ILE I 59 2.69 -16.18 14.75
N THR I 60 2.21 -15.25 13.91
CA THR I 60 2.94 -14.01 13.70
C THR I 60 3.18 -13.29 15.00
N VAL I 61 2.11 -13.03 15.75
CA VAL I 61 2.27 -12.43 17.09
C VAL I 61 3.21 -13.29 17.91
N GLY I 62 3.00 -14.61 17.89
CA GLY I 62 3.85 -15.50 18.66
C GLY I 62 5.31 -15.28 18.36
N LEU I 63 5.63 -15.00 17.10
CA LEU I 63 7.00 -14.66 16.76
C LEU I 63 7.37 -13.28 17.29
N VAL I 64 6.58 -12.26 16.91
CA VAL I 64 6.90 -10.88 17.28
C VAL I 64 7.10 -10.78 18.78
N GLU I 65 6.05 -11.08 19.54
CA GLU I 65 6.13 -10.98 20.99
C GLU I 65 7.34 -11.73 21.53
N ALA I 66 7.65 -12.89 20.95
CA ALA I 66 8.77 -13.67 21.45
C ALA I 66 10.02 -12.80 21.52
N ALA I 67 10.37 -12.15 20.41
CA ALA I 67 11.54 -11.29 20.41
C ALA I 67 11.45 -10.30 21.55
N TYR I 68 10.33 -9.58 21.64
CA TYR I 68 10.14 -8.63 22.72
C TYR I 68 10.54 -9.26 24.06
N PHE I 69 9.90 -10.37 24.40
CA PHE I 69 10.11 -10.91 25.73
C PHE I 69 11.53 -11.42 25.89
N ILE I 70 12.14 -11.95 24.83
CA ILE I 70 13.54 -12.32 24.91
C ILE I 70 14.36 -11.10 25.30
N ASN I 71 14.15 -9.98 24.60
CA ASN I 71 14.81 -8.74 24.99
C ASN I 71 14.59 -8.47 26.47
N LEU I 72 13.34 -8.59 26.92
CA LEU I 72 13.04 -8.34 28.32
C LEU I 72 13.98 -9.13 29.21
N ALA I 73 14.11 -10.44 28.95
CA ALA I 73 14.96 -11.27 29.78
C ALA I 73 16.35 -10.66 29.87
N PHE I 74 16.96 -10.37 28.71
CA PHE I 74 18.32 -9.87 28.73
C PHE I 74 18.41 -8.51 29.41
N MET I 75 17.36 -7.69 29.26
CA MET I 75 17.38 -6.41 29.96
C MET I 75 17.46 -6.64 31.46
N ALA I 76 16.71 -7.60 31.98
CA ALA I 76 16.87 -7.98 33.37
C ALA I 76 18.30 -8.39 33.65
N LEU I 77 18.84 -9.27 32.81
CA LEU I 77 20.23 -9.67 32.97
C LEU I 77 21.17 -8.48 32.91
N PHE I 78 20.78 -7.43 32.20
CA PHE I 78 21.62 -6.23 32.13
C PHE I 78 21.51 -5.40 33.41
N VAL I 79 20.33 -5.36 34.03
CA VAL I 79 20.07 -4.37 35.06
C VAL I 79 20.14 -4.99 36.44
N PHE I 80 19.77 -6.27 36.55
CA PHE I 80 19.69 -6.93 37.85
C PHE I 80 20.90 -7.81 38.16
N ALA I 81 21.50 -8.44 37.15
CA ALA I 81 22.76 -9.17 37.31
C ALA I 81 23.69 -8.69 36.21
N THR I 82 24.35 -7.56 36.45
CA THR I 82 25.10 -6.89 35.39
C THR I 82 26.32 -7.72 35.01
N PRO I 83 26.44 -8.17 33.76
CA PRO I 83 27.68 -8.85 33.35
C PRO I 83 28.88 -7.93 33.47
N GLY I 84 29.99 -8.50 33.93
CA GLY I 84 31.22 -7.73 34.06
C GLY I 84 31.22 -6.75 35.21
N LEU I 85 30.25 -6.82 36.11
CA LEU I 85 30.23 -5.91 37.25
C LEU I 85 31.44 -6.18 38.15
N GLN I 86 32.10 -5.10 38.57
CA GLN I 86 33.30 -5.21 39.40
C GLN I 86 32.92 -5.27 40.87
N ASP J 2 42.50 8.71 39.05
CA ASP J 2 42.67 7.43 38.39
C ASP J 2 41.38 6.61 38.46
N LEU J 3 41.21 5.71 37.48
CA LEU J 3 40.04 4.86 37.42
C LEU J 3 40.39 3.59 36.66
N ASP J 4 39.65 2.53 36.94
CA ASP J 4 39.91 1.24 36.31
C ASP J 4 39.50 1.29 34.84
N PRO J 5 40.41 1.05 33.89
CA PRO J 5 39.98 1.03 32.47
C PRO J 5 38.95 -0.04 32.17
N ASN J 6 39.01 -1.18 32.86
CA ASN J 6 38.07 -2.26 32.56
C ASN J 6 36.64 -1.82 32.81
N ALA J 7 36.41 -0.89 33.74
CA ALA J 7 35.06 -0.38 33.95
C ALA J 7 34.57 0.37 32.72
N ILE J 8 35.43 1.21 32.13
CA ILE J 8 35.05 1.92 30.91
C ILE J 8 34.77 0.93 29.79
N ILE J 9 35.63 -0.09 29.65
CA ILE J 9 35.44 -1.07 28.60
C ILE J 9 34.13 -1.82 28.81
N THR J 10 33.80 -2.15 30.07
CA THR J 10 32.56 -2.87 30.34
C THR J 10 31.34 -2.01 30.07
N ALA J 11 31.40 -0.73 30.42
CA ALA J 11 30.28 0.16 30.10
C ALA J 11 30.08 0.26 28.59
N GLY J 12 31.18 0.43 27.85
CA GLY J 12 31.07 0.46 26.41
C GLY J 12 30.51 -0.85 25.85
N ALA J 13 30.95 -1.97 26.39
CA ALA J 13 30.47 -3.27 25.92
C ALA J 13 28.98 -3.43 26.20
N LEU J 14 28.52 -2.98 27.37
CA LEU J 14 27.10 -3.06 27.68
C LEU J 14 26.29 -2.18 26.74
N ILE J 15 26.76 -0.98 26.46
CA ILE J 15 26.05 -0.11 25.52
C ILE J 15 26.01 -0.76 24.13
N GLY J 16 27.13 -1.33 23.70
CA GLY J 16 27.16 -1.97 22.39
C GLY J 16 26.24 -3.16 22.31
N GLY J 17 26.21 -3.99 23.35
CA GLY J 17 25.28 -5.11 23.37
C GLY J 17 23.84 -4.65 23.37
N GLY J 18 23.54 -3.58 24.12
CA GLY J 18 22.20 -3.03 24.08
C GLY J 18 21.81 -2.57 22.69
N LEU J 19 22.72 -1.89 21.99
CA LEU J 19 22.46 -1.50 20.61
C LEU J 19 22.23 -2.71 19.73
N ILE J 20 23.08 -3.74 19.89
CA ILE J 20 22.95 -4.95 19.08
C ILE J 20 21.56 -5.55 19.26
N MET J 21 21.13 -5.71 20.51
CA MET J 21 19.85 -6.36 20.77
C MET J 21 18.68 -5.46 20.37
N GLY J 22 18.80 -4.15 20.54
CA GLY J 22 17.73 -3.27 20.10
C GLY J 22 17.52 -3.35 18.61
N GLY J 23 18.62 -3.28 17.84
CA GLY J 23 18.51 -3.43 16.41
C GLY J 23 17.96 -4.79 16.00
N GLY J 24 18.46 -5.85 16.64
CA GLY J 24 17.97 -7.18 16.32
C GLY J 24 16.49 -7.32 16.60
N ALA J 25 16.02 -6.79 17.73
CA ALA J 25 14.60 -6.88 18.07
C ALA J 25 13.76 -6.07 17.10
N ILE J 26 14.20 -4.86 16.74
CA ILE J 26 13.44 -4.07 15.78
C ILE J 26 13.31 -4.84 14.47
N GLY J 27 14.44 -5.33 13.94
CA GLY J 27 14.41 -6.03 12.68
C GLY J 27 13.54 -7.27 12.74
N ALA J 28 13.72 -8.08 13.79
CA ALA J 28 12.96 -9.31 13.92
C ALA J 28 11.46 -9.02 13.99
N GLY J 29 11.06 -8.11 14.88
CA GLY J 29 9.65 -7.82 15.04
C GLY J 29 9.02 -7.32 13.76
N ILE J 30 9.66 -6.34 13.12
CA ILE J 30 9.03 -5.74 11.95
C ILE J 30 9.02 -6.71 10.77
N GLY J 31 10.13 -7.42 10.54
CA GLY J 31 10.16 -8.37 9.44
C GLY J 31 9.18 -9.51 9.63
N ASP J 32 9.11 -10.05 10.85
CA ASP J 32 8.14 -11.11 11.12
C ASP J 32 6.72 -10.59 10.96
N GLY J 33 6.45 -9.37 11.40
CA GLY J 33 5.13 -8.81 11.22
C GLY J 33 4.76 -8.68 9.74
N ILE J 34 5.71 -8.25 8.92
CA ILE J 34 5.43 -8.10 7.49
C ILE J 34 5.19 -9.46 6.84
N ALA J 35 6.04 -10.44 7.14
CA ALA J 35 5.85 -11.78 6.58
C ALA J 35 4.52 -12.38 7.02
N GLY J 36 4.18 -12.22 8.30
CA GLY J 36 2.90 -12.70 8.79
C GLY J 36 1.72 -11.98 8.18
N ASN J 37 1.89 -10.68 7.88
CA ASN J 37 0.86 -9.96 7.16
C ASN J 37 0.61 -10.59 5.80
N ALA J 38 1.69 -10.91 5.09
CA ALA J 38 1.55 -11.59 3.80
C ALA J 38 0.82 -12.92 3.97
N LEU J 39 1.23 -13.70 4.97
CA LEU J 39 0.63 -15.01 5.20
C LEU J 39 -0.86 -14.89 5.51
N ILE J 40 -1.21 -13.96 6.39
CA ILE J 40 -2.60 -13.80 6.80
C ILE J 40 -3.45 -13.34 5.62
N SER J 41 -2.95 -12.40 4.83
CA SER J 41 -3.70 -11.96 3.66
C SER J 41 -3.91 -13.11 2.68
N GLY J 42 -2.85 -13.89 2.44
CA GLY J 42 -2.97 -15.02 1.52
C GLY J 42 -3.99 -16.03 2.00
N ILE J 43 -3.97 -16.35 3.30
CA ILE J 43 -4.93 -17.32 3.83
C ILE J 43 -6.34 -16.75 3.79
N ALA J 44 -6.49 -15.45 4.06
CA ALA J 44 -7.81 -14.84 4.00
C ALA J 44 -8.38 -14.93 2.59
N ARG J 45 -7.56 -14.68 1.57
CA ARG J 45 -8.03 -14.83 0.20
C ARG J 45 -8.35 -16.27 -0.12
N GLN J 46 -7.51 -17.20 0.33
CA GLN J 46 -7.64 -18.62 -0.02
C GLN J 46 -7.39 -19.50 1.20
N PRO J 47 -8.42 -20.14 1.77
CA PRO J 47 -8.17 -20.99 2.95
C PRO J 47 -7.24 -22.16 2.68
N GLU J 48 -7.46 -22.88 1.58
CA GLU J 48 -6.62 -24.02 1.26
C GLU J 48 -5.18 -23.62 0.96
N ALA J 49 -4.93 -22.34 0.68
CA ALA J 49 -3.57 -21.89 0.38
C ALA J 49 -2.65 -22.12 1.57
N GLN J 50 -3.20 -22.09 2.79
CA GLN J 50 -2.40 -22.24 4.00
C GLN J 50 -1.31 -23.27 3.85
N GLY J 51 -1.69 -24.50 3.50
CA GLY J 51 -0.75 -25.59 3.38
C GLY J 51 0.55 -25.21 2.70
N ARG J 52 0.47 -24.52 1.58
CA ARG J 52 1.69 -24.16 0.85
C ARG J 52 2.26 -22.82 1.29
N LEU J 53 1.43 -21.90 1.78
CA LEU J 53 1.94 -20.59 2.16
C LEU J 53 2.89 -20.67 3.35
N PHE J 54 2.85 -21.77 4.11
CA PHE J 54 3.79 -21.93 5.20
C PHE J 54 5.20 -22.22 4.71
N THR J 55 5.35 -22.69 3.46
CA THR J 55 6.69 -22.97 2.95
C THR J 55 7.50 -21.69 2.78
N PRO J 56 7.09 -20.74 1.94
CA PRO J 56 7.86 -19.48 1.86
C PRO J 56 7.90 -18.74 3.19
N PHE J 57 6.80 -18.73 3.94
CA PHE J 57 6.77 -18.03 5.21
C PHE J 57 7.89 -18.50 6.12
N PHE J 58 7.99 -19.82 6.33
CA PHE J 58 9.06 -20.35 7.17
C PHE J 58 10.42 -19.96 6.64
N ILE J 59 10.57 -19.87 5.32
CA ILE J 59 11.83 -19.38 4.77
C ILE J 59 12.07 -17.94 5.21
N THR J 60 11.07 -17.08 4.99
CA THR J 60 11.22 -15.67 5.34
C THR J 60 11.55 -15.53 6.83
N VAL J 61 10.74 -16.13 7.68
CA VAL J 61 11.01 -16.11 9.11
C VAL J 61 12.41 -16.63 9.38
N GLY J 62 12.77 -17.73 8.71
CA GLY J 62 14.10 -18.29 8.92
C GLY J 62 15.19 -17.29 8.62
N LEU J 63 15.01 -16.48 7.58
CA LEU J 63 16.00 -15.48 7.25
C LEU J 63 15.98 -14.33 8.25
N VAL J 64 14.82 -14.01 8.80
CA VAL J 64 14.73 -12.91 9.76
C VAL J 64 15.25 -13.35 11.12
N GLU J 65 14.71 -14.45 11.65
CA GLU J 65 15.16 -14.95 12.94
C GLU J 65 16.67 -15.09 12.99
N ALA J 66 17.26 -15.64 11.92
CA ALA J 66 18.72 -15.76 11.89
C ALA J 66 19.37 -14.42 12.16
N ALA J 67 18.97 -13.40 11.39
CA ALA J 67 19.52 -12.06 11.60
C ALA J 67 19.41 -11.66 13.06
N TYR J 68 18.27 -11.96 13.69
CA TYR J 68 18.12 -11.65 15.10
C TYR J 68 19.09 -12.46 15.95
N PHE J 69 19.10 -13.78 15.77
CA PHE J 69 19.81 -14.63 16.71
C PHE J 69 21.31 -14.40 16.64
N ILE J 70 21.83 -14.17 15.43
CA ILE J 70 23.25 -13.85 15.31
C ILE J 70 23.58 -12.66 16.21
N ASN J 71 22.77 -11.60 16.13
CA ASN J 71 22.99 -10.47 17.02
C ASN J 71 23.08 -10.94 18.47
N LEU J 72 22.09 -11.73 18.90
CA LEU J 72 22.11 -12.23 20.26
C LEU J 72 23.44 -12.89 20.56
N ALA J 73 23.86 -13.80 19.68
CA ALA J 73 25.14 -14.47 19.89
C ALA J 73 26.25 -13.45 20.07
N PHE J 74 26.36 -12.50 19.14
CA PHE J 74 27.42 -11.51 19.25
C PHE J 74 27.22 -10.64 20.49
N MET J 75 25.97 -10.35 20.86
CA MET J 75 25.76 -9.63 22.11
C MET J 75 26.33 -10.41 23.28
N ALA J 76 26.11 -11.73 23.29
CA ALA J 76 26.69 -12.55 24.34
C ALA J 76 28.20 -12.42 24.36
N LEU J 77 28.82 -12.26 23.18
CA LEU J 77 30.26 -12.02 23.13
C LEU J 77 30.61 -10.69 23.76
N PHE J 78 29.81 -9.65 23.48
CA PHE J 78 30.16 -8.32 23.96
C PHE J 78 30.14 -8.24 25.48
N VAL J 79 29.15 -8.85 26.11
CA VAL J 79 28.93 -8.63 27.54
C VAL J 79 29.61 -9.70 28.40
N PHE J 80 29.75 -10.93 27.89
CA PHE J 80 30.28 -12.01 28.71
C PHE J 80 31.78 -12.20 28.48
N ALA J 81 32.21 -12.35 27.23
CA ALA J 81 33.62 -12.40 26.89
C ALA J 81 33.93 -11.17 26.06
N THR J 82 34.19 -10.07 26.73
CA THR J 82 34.31 -8.78 26.07
C THR J 82 35.64 -8.69 25.32
N PRO J 83 35.63 -8.50 23.99
CA PRO J 83 36.88 -8.24 23.29
C PRO J 83 37.50 -6.93 23.75
N GLY J 84 38.82 -6.89 23.76
CA GLY J 84 39.54 -5.70 24.21
C GLY J 84 39.62 -5.55 25.71
N LEU J 85 39.09 -6.49 26.47
CA LEU J 85 39.14 -6.43 27.93
C LEU J 85 40.49 -6.97 28.42
N GLN J 86 41.24 -6.14 29.14
CA GLN J 86 42.51 -6.55 29.68
C GLN J 86 42.38 -6.92 31.15
N ASP K 2 43.00 9.85 34.99
CA ASP K 2 43.87 9.54 33.87
C ASP K 2 43.67 8.10 33.40
N LEU K 3 42.59 7.87 32.66
CA LEU K 3 42.30 6.53 32.16
C LEU K 3 43.27 6.15 31.06
N ASP K 4 43.46 4.85 30.88
CA ASP K 4 44.31 4.38 29.80
C ASP K 4 43.67 4.71 28.46
N PRO K 5 44.42 5.27 27.50
CA PRO K 5 43.81 5.59 26.21
C PRO K 5 43.22 4.39 25.50
N ASN K 6 43.85 3.23 25.64
CA ASN K 6 43.31 2.02 25.02
C ASN K 6 41.92 1.70 25.55
N ALA K 7 41.66 2.01 26.82
CA ALA K 7 40.33 1.74 27.37
C ALA K 7 39.26 2.56 26.67
N ILE K 8 39.52 3.86 26.49
CA ILE K 8 38.55 4.71 25.80
C ILE K 8 38.41 4.28 24.35
N ILE K 9 39.51 3.95 23.70
CA ILE K 9 39.44 3.51 22.31
C ILE K 9 38.61 2.24 22.20
N THR K 10 38.81 1.30 23.12
CA THR K 10 38.05 0.04 23.08
C THR K 10 36.57 0.29 23.36
N ALA K 11 36.26 1.18 24.30
CA ALA K 11 34.86 1.49 24.57
C ALA K 11 34.19 2.09 23.34
N GLY K 12 34.87 3.04 22.69
CA GLY K 12 34.33 3.61 21.47
C GLY K 12 34.18 2.57 20.37
N ALA K 13 35.15 1.66 20.26
CA ALA K 13 35.07 0.61 19.25
C ALA K 13 33.89 -0.32 19.52
N LEU K 14 33.66 -0.66 20.78
CA LEU K 14 32.52 -1.52 21.11
C LEU K 14 31.21 -0.83 20.81
N ILE K 15 31.10 0.46 21.14
CA ILE K 15 29.88 1.20 20.83
C ILE K 15 29.66 1.25 19.33
N GLY K 16 30.73 1.52 18.57
CA GLY K 16 30.59 1.58 17.12
C GLY K 16 30.21 0.24 16.51
N GLY K 17 30.80 -0.85 17.02
CA GLY K 17 30.43 -2.17 16.53
C GLY K 17 28.98 -2.51 16.88
N GLY K 18 28.54 -2.11 18.08
CA GLY K 18 27.15 -2.30 18.41
C GLY K 18 26.22 -1.54 17.49
N LEU K 19 26.59 -0.30 17.15
CA LEU K 19 25.79 0.46 16.20
C LEU K 19 25.77 -0.22 14.84
N ILE K 20 26.92 -0.73 14.39
CA ILE K 20 26.99 -1.39 13.09
C ILE K 20 26.07 -2.60 13.06
N MET K 21 26.13 -3.42 14.11
CA MET K 21 25.26 -4.60 14.16
C MET K 21 23.79 -4.22 14.30
N GLY K 22 23.49 -3.19 15.08
CA GLY K 22 22.10 -2.77 15.18
C GLY K 22 21.53 -2.35 13.83
N GLY K 23 22.27 -1.52 13.12
CA GLY K 23 21.83 -1.09 11.80
C GLY K 23 21.73 -2.26 10.83
N GLY K 24 22.72 -3.15 10.84
CA GLY K 24 22.69 -4.29 9.96
C GLY K 24 21.52 -5.22 10.25
N ALA K 25 21.25 -5.45 11.53
CA ALA K 25 20.13 -6.30 11.91
C ALA K 25 18.81 -5.68 11.50
N ILE K 26 18.63 -4.37 11.73
CA ILE K 26 17.40 -3.72 11.31
C ILE K 26 17.22 -3.86 9.81
N GLY K 27 18.27 -3.51 9.05
CA GLY K 27 18.17 -3.57 7.60
C GLY K 27 17.88 -4.97 7.09
N ALA K 28 18.64 -5.95 7.58
CA ALA K 28 18.45 -7.32 7.13
C ALA K 28 17.07 -7.84 7.48
N GLY K 29 16.64 -7.64 8.74
CA GLY K 29 15.35 -8.15 9.14
C GLY K 29 14.22 -7.55 8.33
N ILE K 30 14.20 -6.22 8.21
CA ILE K 30 13.08 -5.58 7.53
C ILE K 30 13.11 -5.86 6.03
N GLY K 31 14.30 -5.85 5.42
CA GLY K 31 14.38 -6.16 4.00
C GLY K 31 13.98 -7.59 3.69
N ASP K 32 14.45 -8.53 4.51
CA ASP K 32 14.06 -9.93 4.33
C ASP K 32 12.56 -10.10 4.54
N GLY K 33 11.99 -9.41 5.52
CA GLY K 33 10.55 -9.49 5.72
C GLY K 33 9.77 -8.96 4.54
N ILE K 34 10.21 -7.83 3.98
CA ILE K 34 9.52 -7.25 2.83
C ILE K 34 9.61 -8.17 1.62
N ALA K 35 10.82 -8.68 1.34
CA ALA K 35 10.98 -9.59 0.21
C ALA K 35 10.17 -10.86 0.41
N GLY K 36 10.15 -11.38 1.64
CA GLY K 36 9.35 -12.56 1.92
C GLY K 36 7.86 -12.31 1.82
N ASN K 37 7.41 -11.12 2.19
CA ASN K 37 6.01 -10.77 1.98
C ASN K 37 5.69 -10.80 0.49
N ALA K 38 6.57 -10.24 -0.33
CA ALA K 38 6.35 -10.31 -1.77
C ALA K 38 6.31 -11.75 -2.25
N LEU K 39 7.22 -12.58 -1.74
CA LEU K 39 7.27 -13.98 -2.16
C LEU K 39 6.00 -14.72 -1.76
N ILE K 40 5.54 -14.51 -0.53
CA ILE K 40 4.35 -15.21 -0.05
C ILE K 40 3.13 -14.77 -0.85
N SER K 41 2.99 -13.47 -1.07
CA SER K 41 1.85 -12.97 -1.85
C SER K 41 1.90 -13.50 -3.28
N GLY K 42 3.09 -13.56 -3.87
CA GLY K 42 3.21 -14.07 -5.23
C GLY K 42 2.87 -15.55 -5.32
N ILE K 43 3.32 -16.33 -4.34
CA ILE K 43 3.01 -17.75 -4.35
C ILE K 43 1.52 -17.98 -4.11
N ALA K 44 0.90 -17.17 -3.26
CA ALA K 44 -0.54 -17.26 -3.08
C ALA K 44 -1.27 -16.93 -4.37
N ARG K 45 -0.87 -15.85 -5.03
CA ARG K 45 -1.54 -15.43 -6.26
C ARG K 45 -1.24 -16.40 -7.40
N GLN K 46 0.03 -16.76 -7.57
CA GLN K 46 0.51 -17.52 -8.73
C GLN K 46 1.26 -18.74 -8.25
N PRO K 47 0.55 -19.74 -7.72
CA PRO K 47 1.24 -20.89 -7.12
C PRO K 47 2.15 -21.63 -8.09
N GLU K 48 1.79 -21.70 -9.37
CA GLU K 48 2.58 -22.47 -10.31
C GLU K 48 3.91 -21.79 -10.64
N ALA K 49 4.01 -20.48 -10.42
CA ALA K 49 5.23 -19.74 -10.68
C ALA K 49 6.20 -19.76 -9.50
N GLN K 50 5.93 -20.59 -8.49
CA GLN K 50 6.73 -20.56 -7.27
C GLN K 50 8.22 -20.63 -7.57
N GLY K 51 8.64 -21.61 -8.38
CA GLY K 51 10.04 -21.72 -8.71
C GLY K 51 10.58 -20.45 -9.33
N ARG K 52 9.85 -19.91 -10.31
CA ARG K 52 10.30 -18.70 -10.97
C ARG K 52 10.39 -17.52 -10.02
N LEU K 53 9.65 -17.56 -8.90
CA LEU K 53 9.73 -16.48 -7.92
C LEU K 53 10.93 -16.62 -7.00
N PHE K 54 11.55 -17.78 -6.94
CA PHE K 54 12.73 -17.93 -6.08
C PHE K 54 13.96 -17.30 -6.69
N THR K 55 14.06 -17.26 -8.02
CA THR K 55 15.20 -16.61 -8.65
C THR K 55 15.31 -15.14 -8.27
N PRO K 56 14.26 -14.31 -8.39
CA PRO K 56 14.39 -12.93 -7.93
C PRO K 56 14.53 -12.83 -6.42
N PHE K 57 13.75 -13.62 -5.68
CA PHE K 57 13.81 -13.54 -4.22
C PHE K 57 15.23 -13.75 -3.71
N PHE K 58 15.87 -14.84 -4.15
CA PHE K 58 17.24 -15.10 -3.70
C PHE K 58 18.19 -14.02 -4.15
N ILE K 59 17.89 -13.35 -5.27
CA ILE K 59 18.68 -12.19 -5.65
C ILE K 59 18.49 -11.08 -4.62
N THR K 60 17.24 -10.75 -4.31
CA THR K 60 16.97 -9.70 -3.33
C THR K 60 17.64 -10.01 -2.01
N VAL K 61 17.40 -11.21 -1.48
CA VAL K 61 18.05 -11.62 -0.25
C VAL K 61 19.55 -11.50 -0.38
N GLY K 62 20.08 -11.93 -1.54
CA GLY K 62 21.51 -11.82 -1.75
C GLY K 62 22.01 -10.39 -1.62
N LEU K 63 21.24 -9.43 -2.14
CA LEU K 63 21.63 -8.03 -2.02
C LEU K 63 21.47 -7.50 -0.61
N VAL K 64 20.62 -8.13 0.20
CA VAL K 64 20.39 -7.67 1.57
C VAL K 64 21.42 -8.30 2.49
N GLU K 65 21.42 -9.63 2.56
CA GLU K 65 22.35 -10.33 3.45
C GLU K 65 23.78 -9.87 3.23
N ALA K 66 24.18 -9.71 1.97
CA ALA K 66 25.50 -9.19 1.66
C ALA K 66 25.83 -8.00 2.55
N ALA K 67 25.01 -6.94 2.44
CA ALA K 67 25.25 -5.74 3.25
C ALA K 67 25.39 -6.11 4.71
N TYR K 68 24.43 -6.90 5.22
CA TYR K 68 24.49 -7.29 6.63
C TYR K 68 25.86 -7.89 6.96
N PHE K 69 26.29 -8.86 6.16
CA PHE K 69 27.56 -9.50 6.47
C PHE K 69 28.73 -8.54 6.29
N ILE K 70 28.64 -7.63 5.32
CA ILE K 70 29.66 -6.59 5.22
C ILE K 70 29.74 -5.84 6.55
N ASN K 71 28.58 -5.44 7.09
CA ASN K 71 28.55 -4.83 8.40
C ASN K 71 29.24 -5.73 9.41
N LEU K 72 28.88 -7.01 9.40
CA LEU K 72 29.53 -7.97 10.28
C LEU K 72 31.04 -7.90 10.13
N ALA K 73 31.52 -7.94 8.88
CA ALA K 73 32.95 -7.91 8.65
C ALA K 73 33.58 -6.68 9.27
N PHE K 74 32.91 -5.54 9.19
CA PHE K 74 33.47 -4.32 9.75
C PHE K 74 33.26 -4.21 11.24
N MET K 75 32.28 -4.93 11.81
CA MET K 75 32.14 -4.93 13.27
C MET K 75 33.26 -5.73 13.92
N ALA K 76 33.51 -6.94 13.42
CA ALA K 76 34.59 -7.76 13.96
C ALA K 76 35.88 -6.96 14.00
N LEU K 77 36.25 -6.36 12.87
CA LEU K 77 37.37 -5.44 12.82
C LEU K 77 37.35 -4.51 14.03
N PHE K 78 36.27 -3.74 14.17
CA PHE K 78 36.20 -2.73 15.22
C PHE K 78 36.54 -3.33 16.57
N VAL K 79 36.08 -4.56 16.84
CA VAL K 79 36.22 -5.16 18.16
C VAL K 79 37.35 -6.18 18.22
N PHE K 80 38.03 -6.45 17.12
CA PHE K 80 39.11 -7.42 17.12
C PHE K 80 40.42 -6.87 16.59
N ALA K 81 40.38 -6.01 15.56
CA ALA K 81 41.53 -5.23 15.12
C ALA K 81 41.05 -3.79 15.05
N THR K 82 41.07 -3.11 16.18
CA THR K 82 40.49 -1.77 16.25
C THR K 82 41.37 -0.78 15.51
N PRO K 83 40.87 -0.12 14.47
CA PRO K 83 41.70 0.89 13.79
C PRO K 83 42.09 2.01 14.74
N GLY K 84 43.33 2.47 14.60
CA GLY K 84 43.82 3.51 15.46
C GLY K 84 44.08 3.11 16.89
N LEU K 85 44.05 1.81 17.20
CA LEU K 85 44.31 1.36 18.55
C LEU K 85 45.79 1.58 18.90
N GLN K 86 46.03 1.99 20.14
CA GLN K 86 47.38 2.29 20.59
C GLN K 86 47.89 1.23 21.56
N GLU L 523 -57.47 3.88 -27.85
CA GLU L 523 -58.20 2.62 -28.03
C GLU L 523 -58.66 2.06 -26.69
N ASN L 524 -58.03 2.54 -25.61
CA ASN L 524 -58.39 2.10 -24.25
C ASN L 524 -58.08 0.61 -24.05
N ALA L 525 -56.91 0.20 -24.52
CA ALA L 525 -56.51 -1.20 -24.38
C ALA L 525 -56.35 -1.57 -22.90
N GLU L 526 -56.62 -2.83 -22.59
CA GLU L 526 -56.54 -3.28 -21.21
C GLU L 526 -55.09 -3.19 -20.70
N ALA L 527 -54.95 -2.74 -19.46
CA ALA L 527 -53.62 -2.60 -18.88
C ALA L 527 -53.02 -3.97 -18.58
N LEU L 528 -51.73 -4.11 -18.88
CA LEU L 528 -51.03 -5.34 -18.58
C LEU L 528 -50.96 -5.55 -17.07
N ASP L 529 -51.24 -6.78 -16.64
CA ASP L 529 -51.17 -7.09 -15.22
C ASP L 529 -49.73 -6.92 -14.73
N PRO L 530 -49.51 -6.14 -13.67
CA PRO L 530 -48.12 -6.00 -13.18
C PRO L 530 -47.46 -7.32 -12.86
N GLU L 531 -48.22 -8.32 -12.38
CA GLU L 531 -47.64 -9.64 -12.17
C GLU L 531 -47.17 -10.24 -13.48
N ASP L 532 -47.93 -10.07 -14.55
CA ASP L 532 -47.54 -10.64 -15.84
C ASP L 532 -46.23 -10.04 -16.32
N LEU L 533 -46.04 -8.74 -16.13
CA LEU L 533 -44.78 -8.10 -16.50
C LEU L 533 -43.62 -8.78 -15.76
N GLU L 534 -42.60 -9.17 -16.52
CA GLU L 534 -41.41 -9.80 -15.95
C GLU L 534 -40.30 -8.77 -15.85
N LYS L 535 -39.64 -8.73 -14.70
CA LYS L 535 -38.64 -7.72 -14.40
C LYS L 535 -37.26 -8.34 -14.41
N GLU L 536 -36.32 -7.72 -15.11
CA GLU L 536 -34.93 -8.15 -15.07
C GLU L 536 -34.37 -7.94 -13.68
N SER L 537 -33.62 -8.93 -13.20
CA SER L 537 -33.08 -8.91 -11.85
C SER L 537 -31.62 -9.31 -11.87
N VAL L 538 -30.88 -8.82 -10.87
CA VAL L 538 -29.48 -9.17 -10.67
C VAL L 538 -29.41 -10.06 -9.42
N LYS L 539 -29.07 -11.32 -9.62
CA LYS L 539 -28.96 -12.24 -8.49
C LYS L 539 -27.77 -11.85 -7.63
N VAL L 540 -27.95 -11.97 -6.31
CA VAL L 540 -26.87 -11.74 -5.35
C VAL L 540 -26.86 -12.92 -4.39
N ARG L 541 -25.73 -13.61 -4.31
CA ARG L 541 -25.57 -14.74 -3.39
C ARG L 541 -25.14 -14.21 -2.03
N LYS L 542 -26.06 -13.47 -1.41
CA LYS L 542 -25.85 -12.84 -0.12
C LYS L 542 -27.08 -13.07 0.73
N PRO L 543 -26.97 -12.91 2.05
CA PRO L 543 -28.16 -12.96 2.90
C PRO L 543 -29.09 -11.80 2.59
N ALA L 544 -30.38 -12.02 2.76
CA ALA L 544 -31.34 -10.97 2.52
C ALA L 544 -31.08 -9.82 3.49
N PRO L 545 -31.18 -8.55 3.04
CA PRO L 545 -30.88 -7.42 3.92
C PRO L 545 -31.90 -7.25 5.04
#